data_7REO
#
_entry.id   7REO
#
_cell.length_a   102.385
_cell.length_b   102.385
_cell.length_c   255.150
_cell.angle_alpha   90.000
_cell.angle_beta   90.000
_cell.angle_gamma   90.000
#
_symmetry.space_group_name_H-M   'P 43 21 2'
#
loop_
_entity.id
_entity.type
_entity.pdbx_description
1 polymer 'Penicillin G Acylase'
2 non-polymer 'CALCIUM ION'
3 water water
#
_entity_poly.entity_id   1
_entity_poly.type   'polypeptide(L)'
_entity_poly.pdbx_seq_one_letter_code
;SNMWVIGKNKAQDAKAIMVNGPQFGWYNPAYTYGIGLHGAGYDVTGNTPFAYPGLLFGHNGTISWGSTAGAGDSVDIFAE
KLSAEKPGYYQHNGEWVKMLSRKETIAVKDGQPETFTVWRTLHGNVIKTDTATQTAYAKARAWDGKEVASLLAWTHQMKA
KNWPEWTQQAAKQALTINWYYADVNGNIGYVHTGAYPDRQPGHDPRLPVPGTGKWDWKGLLSFDLNPKVYNPQSGYIANW
NNSPQKDYPASDLFAFLWGGADRATEIDTILDKQPRFTADQAWDVIRQTSRRDLNLRLFLPALKDATANLAENDPRRQLV
DKLASWDGENLVNDDGKTYQQPGSAILNAWLTSMLKRTVVAAVPAPFGKWYSASGYETTQDGPTGSLNISVGAKILYEAL
QGDKSPIPQAVDLFGGKPQQEVILAALDDAWQTLSKRYGNDVTGWKTPAMALTFRANNFFGVPQAAAKEARHQAEYQNRG
TENNMIVFSPTSGNRPVLAWDVVAPGQSGFIAPDGKADKHYDDQLKMYESFGRKSLWLTPQDVDEHKESQEVLQVQLDQT
EVKIVRDEYGMPHIYADDTYRLFYGYGYVVAQDRLFQMEMARRSTQGTVSEVLGKAFVKFDKDIRQNYWPDSIRAQIASL
SAEDKSILQGYADGMNAWIDKVNASPDKLLPQQFSTFGFKPKHWEPFDVAMIFVGTMANRFSDSTSEIDNLALLTALKDK
YGKQQGMAVFNQLKWLVNPSAPTTIAARESAYPLKFDLQNTQTAHHHHHH
;
_entity_poly.pdbx_strand_id   A
#
# COMPACT_ATOMS: atom_id res chain seq x y z
N SER A 1 -0.83 -5.47 1.83
CA SER A 1 -2.17 -5.61 1.26
C SER A 1 -2.36 -7.01 0.75
N ASN A 2 -3.48 -7.69 1.14
CA ASN A 2 -3.70 -9.02 0.64
C ASN A 2 -5.03 -9.16 -0.12
N MET A 3 -5.16 -10.26 -0.88
CA MET A 3 -6.34 -10.55 -1.69
C MET A 3 -6.42 -12.05 -1.94
N TRP A 4 -7.62 -12.61 -1.94
CA TRP A 4 -7.83 -13.98 -2.40
C TRP A 4 -9.11 -13.95 -3.20
N VAL A 5 -9.01 -14.41 -4.45
CA VAL A 5 -10.15 -14.46 -5.36
C VAL A 5 -10.36 -15.93 -5.63
N ILE A 6 -11.56 -16.42 -5.34
CA ILE A 6 -11.86 -17.85 -5.48
C ILE A 6 -12.89 -18.05 -6.61
N GLY A 7 -12.50 -18.81 -7.63
CA GLY A 7 -13.32 -19.07 -8.81
C GLY A 7 -14.33 -20.19 -8.65
N LYS A 8 -15.13 -20.46 -9.70
CA LYS A 8 -16.20 -21.47 -9.63
C LYS A 8 -15.75 -22.85 -9.20
N ASN A 9 -14.56 -23.29 -9.60
CA ASN A 9 -14.05 -24.62 -9.21
C ASN A 9 -13.55 -24.71 -7.77
N LYS A 10 -13.48 -23.58 -7.06
CA LYS A 10 -12.99 -23.56 -5.69
C LYS A 10 -14.01 -22.94 -4.71
N ALA A 11 -15.13 -22.36 -5.22
CA ALA A 11 -16.14 -21.76 -4.36
C ALA A 11 -17.24 -22.75 -4.03
N GLN A 12 -17.75 -22.67 -2.80
CA GLN A 12 -18.82 -23.53 -2.34
C GLN A 12 -20.09 -22.71 -2.15
N ASP A 13 -21.18 -23.13 -2.79
CA ASP A 13 -22.49 -22.46 -2.72
C ASP A 13 -22.48 -21.06 -3.33
N ALA A 14 -21.62 -20.86 -4.33
CA ALA A 14 -21.44 -19.59 -5.06
C ALA A 14 -20.56 -19.85 -6.29
N LYS A 15 -20.54 -18.90 -7.24
CA LYS A 15 -19.69 -19.04 -8.42
C LYS A 15 -18.32 -18.36 -8.24
N ALA A 16 -18.25 -17.27 -7.46
CA ALA A 16 -16.97 -16.59 -7.20
C ALA A 16 -17.01 -15.80 -5.92
N ILE A 17 -15.86 -15.71 -5.23
CA ILE A 17 -15.78 -14.96 -3.99
C ILE A 17 -14.50 -14.13 -4.04
N MET A 18 -14.58 -12.85 -3.73
CA MET A 18 -13.42 -11.98 -3.73
C MET A 18 -13.27 -11.38 -2.35
N VAL A 19 -12.10 -11.54 -1.70
CA VAL A 19 -11.88 -11.00 -0.36
C VAL A 19 -10.61 -10.15 -0.41
N ASN A 20 -10.71 -8.86 -0.16
CA ASN A 20 -9.57 -7.95 -0.25
C ASN A 20 -9.28 -7.33 1.11
N GLY A 21 -8.01 -7.13 1.38
CA GLY A 21 -7.54 -6.53 2.62
C GLY A 21 -6.38 -5.58 2.35
N PRO A 22 -6.68 -4.40 1.76
CA PRO A 22 -5.60 -3.44 1.49
C PRO A 22 -5.02 -2.90 2.79
N GLN A 23 -3.69 -2.85 2.89
CA GLN A 23 -3.02 -2.40 4.09
C GLN A 23 -2.33 -1.05 3.95
N PHE A 24 -2.98 -0.05 4.47
CA PHE A 24 -2.56 1.34 4.40
C PHE A 24 -2.16 1.95 5.72
N GLY A 25 -2.22 1.19 6.80
CA GLY A 25 -2.11 1.75 8.14
C GLY A 25 -3.51 2.00 8.69
N TRP A 26 -3.61 2.52 9.91
CA TRP A 26 -4.90 2.73 10.57
C TRP A 26 -5.07 4.14 11.04
N TYR A 27 -6.23 4.74 10.70
CA TYR A 27 -6.45 6.15 10.96
C TYR A 27 -7.86 6.47 11.37
N ASN A 28 -8.05 7.62 12.00
CA ASN A 28 -9.38 8.14 12.31
C ASN A 28 -9.39 9.61 11.83
N PRO A 29 -10.31 10.01 10.93
CA PRO A 29 -11.30 9.20 10.22
C PRO A 29 -10.68 8.12 9.34
N ALA A 30 -11.51 7.14 8.93
CA ALA A 30 -11.14 5.98 8.15
C ALA A 30 -10.36 6.33 6.90
N TYR A 31 -9.39 5.49 6.56
CA TYR A 31 -8.59 5.71 5.36
C TYR A 31 -9.46 5.68 4.10
N THR A 32 -10.49 4.80 4.08
CA THR A 32 -11.38 4.67 2.93
C THR A 32 -12.75 5.30 3.21
N TYR A 33 -13.51 5.52 2.13
CA TYR A 33 -14.80 6.17 2.15
C TYR A 33 -15.83 5.30 1.42
N GLY A 34 -16.95 4.99 2.07
CA GLY A 34 -17.99 4.15 1.44
C GLY A 34 -18.87 5.00 0.54
N ILE A 35 -19.19 4.52 -0.65
CA ILE A 35 -20.00 5.29 -1.62
C ILE A 35 -20.68 4.38 -2.64
N GLY A 36 -21.88 4.76 -3.05
CA GLY A 36 -22.59 4.07 -4.12
C GLY A 36 -22.91 5.10 -5.19
N LEU A 37 -22.66 4.76 -6.47
CA LEU A 37 -22.90 5.66 -7.59
C LEU A 37 -23.87 5.00 -8.57
N HIS A 38 -24.98 5.69 -8.88
CA HIS A 38 -26.02 5.10 -9.74
C HIS A 38 -26.49 6.11 -10.78
N GLY A 39 -26.07 5.90 -11.99
CA GLY A 39 -26.41 6.77 -13.11
C GLY A 39 -25.23 6.99 -14.04
N ALA A 40 -25.52 7.55 -15.24
CA ALA A 40 -24.46 7.85 -16.22
C ALA A 40 -23.63 6.62 -16.60
N GLY A 41 -24.24 5.45 -16.66
CA GLY A 41 -23.52 4.24 -17.00
C GLY A 41 -22.87 3.52 -15.82
N TYR A 42 -22.92 4.12 -14.63
CA TYR A 42 -22.36 3.52 -13.42
C TYR A 42 -23.48 2.93 -12.57
N ASP A 43 -23.21 1.83 -11.88
CA ASP A 43 -24.15 1.27 -10.91
C ASP A 43 -23.22 0.48 -9.99
N VAL A 44 -22.62 1.15 -9.01
CA VAL A 44 -21.54 0.56 -8.21
C VAL A 44 -21.74 0.79 -6.73
N THR A 45 -21.13 -0.07 -5.92
CA THR A 45 -21.14 0.05 -4.47
C THR A 45 -19.78 -0.42 -3.96
N GLY A 46 -19.26 0.27 -2.95
CA GLY A 46 -17.95 -0.11 -2.40
C GLY A 46 -17.35 0.99 -1.58
N ASN A 47 -16.02 0.93 -1.43
CA ASN A 47 -15.31 1.95 -0.67
C ASN A 47 -13.95 2.20 -1.34
N THR A 48 -13.37 3.37 -1.09
CA THR A 48 -12.13 3.76 -1.77
C THR A 48 -11.34 4.74 -0.94
N PRO A 49 -9.99 4.68 -1.02
CA PRO A 49 -9.18 5.60 -0.22
C PRO A 49 -9.42 7.06 -0.57
N PHE A 50 -9.47 7.95 0.42
CA PHE A 50 -9.60 9.39 0.23
C PHE A 50 -10.75 9.77 -0.71
N ALA A 51 -11.80 8.91 -0.77
CA ALA A 51 -12.94 9.21 -1.63
C ALA A 51 -12.56 9.56 -3.10
N TYR A 52 -11.60 8.83 -3.70
CA TYR A 52 -11.27 9.07 -5.12
C TYR A 52 -12.52 8.84 -5.99
N PRO A 53 -12.64 9.52 -7.13
CA PRO A 53 -13.77 9.26 -8.03
C PRO A 53 -13.87 7.79 -8.43
N GLY A 54 -12.75 7.08 -8.53
CA GLY A 54 -12.74 5.67 -8.85
C GLY A 54 -12.72 4.80 -7.59
N LEU A 55 -13.65 3.85 -7.47
CA LEU A 55 -13.70 2.97 -6.28
C LEU A 55 -12.69 1.83 -6.42
N LEU A 56 -11.76 1.71 -5.44
CA LEU A 56 -10.77 0.63 -5.54
C LEU A 56 -11.37 -0.73 -5.16
N PHE A 57 -12.34 -0.73 -4.26
CA PHE A 57 -12.87 -1.95 -3.65
C PHE A 57 -14.39 -1.99 -3.78
N GLY A 58 -14.89 -2.77 -4.72
CA GLY A 58 -16.33 -2.80 -4.94
C GLY A 58 -16.77 -3.64 -6.11
N HIS A 59 -18.04 -3.45 -6.50
CA HIS A 59 -18.60 -4.23 -7.60
C HIS A 59 -19.74 -3.47 -8.28
N ASN A 60 -20.14 -3.94 -9.46
CA ASN A 60 -21.22 -3.31 -10.20
C ASN A 60 -22.43 -4.25 -10.49
N GLY A 61 -22.48 -5.39 -9.82
CA GLY A 61 -23.54 -6.36 -10.03
C GLY A 61 -23.18 -7.42 -11.06
N THR A 62 -22.20 -7.14 -11.91
CA THR A 62 -21.77 -8.10 -12.93
C THR A 62 -20.34 -8.53 -12.65
N ILE A 63 -19.46 -7.57 -12.36
CA ILE A 63 -18.07 -7.84 -12.03
C ILE A 63 -17.72 -7.15 -10.71
N SER A 64 -16.64 -7.60 -10.07
CA SER A 64 -16.13 -7.00 -8.85
C SER A 64 -14.63 -6.81 -9.09
N TRP A 65 -14.04 -5.89 -8.36
CA TRP A 65 -12.63 -5.58 -8.52
C TRP A 65 -11.99 -5.26 -7.17
N GLY A 66 -10.67 -5.34 -7.18
CA GLY A 66 -9.86 -5.01 -6.02
C GLY A 66 -8.42 -4.79 -6.44
N SER A 67 -7.59 -4.43 -5.48
CA SER A 67 -6.19 -4.22 -5.74
C SER A 67 -5.28 -4.45 -4.56
N THR A 68 -4.00 -4.68 -4.83
CA THR A 68 -2.94 -4.76 -3.82
C THR A 68 -1.71 -4.07 -4.40
N ALA A 69 -0.84 -3.60 -3.52
CA ALA A 69 0.45 -3.05 -3.91
C ALA A 69 1.41 -4.26 -4.19
N GLY A 70 2.57 -3.98 -4.78
CA GLY A 70 3.57 -5.01 -5.07
C GLY A 70 4.31 -4.59 -6.32
N ALA A 71 4.94 -3.43 -6.23
CA ALA A 71 5.61 -2.80 -7.36
C ALA A 71 6.75 -3.55 -8.00
N GLY A 72 6.73 -3.52 -9.32
CA GLY A 72 7.89 -3.89 -10.10
C GLY A 72 8.75 -2.62 -10.20
N ASP A 73 9.74 -2.62 -11.10
CA ASP A 73 10.62 -1.45 -11.24
C ASP A 73 10.21 -0.57 -12.41
N SER A 74 9.47 0.51 -12.14
CA SER A 74 9.13 1.46 -13.19
C SER A 74 9.71 2.86 -12.90
N VAL A 75 10.72 2.95 -12.02
CA VAL A 75 11.31 4.23 -11.65
C VAL A 75 12.82 4.11 -11.70
N ASP A 76 13.46 4.91 -12.55
CA ASP A 76 14.92 4.87 -12.70
C ASP A 76 15.53 6.26 -12.42
N ILE A 77 16.81 6.31 -12.05
CA ILE A 77 17.48 7.59 -11.77
C ILE A 77 18.48 7.84 -12.89
N PHE A 78 18.39 9.03 -13.49
CA PHE A 78 19.33 9.39 -14.56
C PHE A 78 20.32 10.39 -13.98
N ALA A 79 21.60 10.06 -14.08
CA ALA A 79 22.67 10.92 -13.59
C ALA A 79 22.97 11.95 -14.66
N GLU A 80 22.44 13.16 -14.50
CA GLU A 80 22.61 14.20 -15.53
C GLU A 80 24.00 14.82 -15.47
N LYS A 81 24.65 14.94 -16.64
CA LYS A 81 25.99 15.52 -16.74
C LYS A 81 25.88 17.04 -16.78
N LEU A 82 26.47 17.71 -15.79
CA LEU A 82 26.41 19.15 -15.71
C LEU A 82 27.65 19.85 -16.33
N SER A 83 27.59 21.16 -16.48
CA SER A 83 28.66 22.00 -17.04
C SER A 83 28.99 23.05 -15.99
N ALA A 84 30.27 23.23 -15.65
CA ALA A 84 30.65 24.27 -14.70
C ALA A 84 30.41 25.68 -15.26
N GLU A 85 30.52 25.83 -16.58
CA GLU A 85 30.31 27.11 -17.24
C GLU A 85 28.85 27.40 -17.57
N LYS A 86 28.00 26.36 -17.62
CA LYS A 86 26.57 26.56 -17.93
C LYS A 86 25.67 26.04 -16.80
N PRO A 87 25.56 26.74 -15.65
CA PRO A 87 24.70 26.24 -14.57
C PRO A 87 23.23 26.20 -15.00
N GLY A 88 22.51 25.17 -14.57
CA GLY A 88 21.12 25.01 -14.97
C GLY A 88 20.98 24.35 -16.34
N TYR A 89 22.07 23.80 -16.89
CA TYR A 89 22.07 23.06 -18.15
C TYR A 89 22.61 21.64 -17.94
N TYR A 90 22.25 20.72 -18.82
CA TYR A 90 22.75 19.35 -18.77
C TYR A 90 22.98 18.82 -20.19
N GLN A 91 23.88 17.87 -20.34
CA GLN A 91 24.21 17.34 -21.64
C GLN A 91 23.32 16.21 -22.09
N HIS A 92 22.72 16.38 -23.27
CA HIS A 92 21.84 15.35 -23.82
C HIS A 92 22.00 15.34 -25.32
N ASN A 93 22.31 14.17 -25.88
CA ASN A 93 22.50 13.97 -27.32
C ASN A 93 23.44 15.00 -27.95
N GLY A 94 24.57 15.22 -27.30
CA GLY A 94 25.60 16.12 -27.77
C GLY A 94 25.37 17.61 -27.59
N GLU A 95 24.30 18.01 -26.91
CA GLU A 95 24.00 19.44 -26.72
C GLU A 95 23.73 19.80 -25.26
N TRP A 96 23.87 21.09 -24.90
CA TRP A 96 23.54 21.55 -23.56
C TRP A 96 22.08 22.00 -23.55
N VAL A 97 21.23 21.25 -22.84
CA VAL A 97 19.80 21.49 -22.73
C VAL A 97 19.51 22.24 -21.43
N LYS A 98 18.67 23.26 -21.48
CA LYS A 98 18.34 24.04 -20.29
C LYS A 98 17.33 23.27 -19.42
N MET A 99 17.56 23.25 -18.10
CA MET A 99 16.61 22.62 -17.19
C MET A 99 15.39 23.53 -17.05
N LEU A 100 14.22 22.93 -16.79
CA LEU A 100 13.05 23.69 -16.41
C LEU A 100 13.24 23.98 -14.91
N SER A 101 12.67 25.07 -14.45
CA SER A 101 12.72 25.42 -13.04
C SER A 101 11.47 26.19 -12.66
N ARG A 102 11.08 26.11 -11.38
CA ARG A 102 9.96 26.88 -10.89
C ARG A 102 10.25 27.33 -9.49
N LYS A 103 9.76 28.51 -9.12
CA LYS A 103 9.98 29.01 -7.77
C LYS A 103 8.76 28.68 -6.91
N GLU A 104 9.00 28.29 -5.66
CA GLU A 104 7.91 27.97 -4.75
C GLU A 104 8.14 28.65 -3.44
N THR A 105 7.12 29.28 -2.89
CA THR A 105 7.22 29.87 -1.58
C THR A 105 6.32 29.12 -0.58
N ILE A 106 6.90 28.69 0.54
CA ILE A 106 6.14 28.02 1.58
C ILE A 106 5.69 29.09 2.55
N ALA A 107 4.39 29.39 2.60
CA ALA A 107 3.86 30.33 3.59
C ALA A 107 3.82 29.58 4.92
N VAL A 108 4.15 30.25 6.00
CA VAL A 108 4.24 29.63 7.32
C VAL A 108 3.42 30.40 8.34
N LYS A 109 2.39 29.78 8.92
CA LYS A 109 1.56 30.42 9.93
C LYS A 109 2.42 30.79 11.15
N ASP A 110 2.36 32.06 11.55
CA ASP A 110 3.11 32.61 12.68
C ASP A 110 4.64 32.48 12.54
N GLY A 111 5.12 32.24 11.34
CA GLY A 111 6.54 32.06 11.08
C GLY A 111 7.01 32.80 9.85
N GLN A 112 8.19 32.43 9.40
CA GLN A 112 8.86 33.08 8.28
C GLN A 112 8.72 32.21 7.05
N PRO A 113 8.18 32.77 5.96
CA PRO A 113 8.10 32.01 4.71
C PRO A 113 9.49 31.69 4.16
N GLU A 114 9.54 30.71 3.27
CA GLU A 114 10.76 30.23 2.68
C GLU A 114 10.55 30.02 1.17
N THR A 115 11.47 30.51 0.32
CA THR A 115 11.39 30.32 -1.12
C THR A 115 12.48 29.40 -1.59
N PHE A 116 12.16 28.51 -2.52
CA PHE A 116 13.12 27.57 -3.09
C PHE A 116 12.76 27.28 -4.55
N THR A 117 13.64 26.57 -5.24
CA THR A 117 13.48 26.30 -6.64
C THR A 117 13.43 24.81 -6.88
N VAL A 118 12.50 24.35 -7.71
CA VAL A 118 12.44 22.96 -8.10
C VAL A 118 12.94 22.90 -9.53
N TRP A 119 13.85 21.98 -9.83
CA TRP A 119 14.45 21.81 -11.14
C TRP A 119 13.93 20.53 -11.78
N ARG A 120 13.85 20.52 -13.10
CA ARG A 120 13.36 19.37 -13.84
C ARG A 120 14.08 19.27 -15.17
N THR A 121 14.40 18.06 -15.58
CA THR A 121 15.03 17.78 -16.87
C THR A 121 14.05 16.93 -17.74
N LEU A 122 14.45 16.57 -18.99
CA LEU A 122 13.64 15.70 -19.81
C LEU A 122 13.44 14.30 -19.15
N HIS A 123 14.28 13.93 -18.15
CA HIS A 123 14.10 12.65 -17.46
C HIS A 123 13.13 12.74 -16.27
N GLY A 124 13.05 13.89 -15.63
CA GLY A 124 12.18 14.07 -14.47
C GLY A 124 12.67 15.16 -13.55
N ASN A 125 12.06 15.29 -12.36
CA ASN A 125 12.49 16.29 -11.40
C ASN A 125 13.87 15.92 -10.83
N VAL A 126 14.68 16.93 -10.52
CA VAL A 126 16.00 16.68 -9.91
C VAL A 126 15.78 16.42 -8.40
N ILE A 127 16.26 15.28 -7.93
CA ILE A 127 16.10 14.89 -6.52
C ILE A 127 17.38 15.06 -5.67
N LYS A 128 18.53 15.22 -6.33
CA LYS A 128 19.80 15.38 -5.62
C LYS A 128 20.86 15.93 -6.58
N THR A 129 21.78 16.77 -6.08
CA THR A 129 22.89 17.24 -6.91
C THR A 129 24.20 16.88 -6.19
N ASP A 130 25.21 16.44 -6.95
CA ASP A 130 26.51 16.08 -6.37
C ASP A 130 27.62 16.93 -7.01
N THR A 131 28.19 17.87 -6.25
CA THR A 131 29.26 18.78 -6.68
C THR A 131 30.51 18.05 -7.21
N ALA A 132 31.04 17.10 -6.44
CA ALA A 132 32.26 16.39 -6.81
C ALA A 132 32.20 15.68 -8.16
N THR A 133 31.04 15.12 -8.54
CA THR A 133 30.94 14.44 -9.84
C THR A 133 30.22 15.25 -10.93
N GLN A 134 29.81 16.50 -10.62
CA GLN A 134 29.07 17.39 -11.54
C GLN A 134 27.81 16.68 -12.06
N THR A 135 27.02 16.13 -11.14
CA THR A 135 25.84 15.36 -11.49
C THR A 135 24.59 15.92 -10.85
N ALA A 136 23.47 15.94 -11.59
CA ALA A 136 22.15 16.27 -11.02
C ALA A 136 21.34 14.99 -11.25
N TYR A 137 20.84 14.35 -10.19
CA TYR A 137 20.11 13.09 -10.31
C TYR A 137 18.64 13.37 -10.57
N ALA A 138 18.11 12.90 -11.70
CA ALA A 138 16.71 13.13 -12.09
C ALA A 138 15.91 11.83 -11.99
N LYS A 139 14.72 11.89 -11.41
CA LYS A 139 13.90 10.68 -11.20
C LYS A 139 12.89 10.49 -12.34
N ALA A 140 13.06 9.42 -13.11
CA ALA A 140 12.19 9.07 -14.22
C ALA A 140 11.17 8.04 -13.79
N ARG A 141 9.88 8.38 -13.88
CA ARG A 141 8.81 7.43 -13.56
C ARG A 141 8.13 7.10 -14.86
N ALA A 142 7.93 5.81 -15.13
CA ALA A 142 7.28 5.41 -16.38
C ALA A 142 5.86 5.96 -16.50
N TRP A 143 5.22 6.30 -15.38
CA TRP A 143 3.87 6.85 -15.37
C TRP A 143 3.80 8.37 -15.45
N ASP A 144 4.96 9.07 -15.55
CA ASP A 144 4.96 10.54 -15.61
C ASP A 144 4.14 10.99 -16.83
N GLY A 145 3.19 11.88 -16.63
CA GLY A 145 2.32 12.32 -17.72
C GLY A 145 1.07 11.47 -17.89
N LYS A 146 0.93 10.39 -17.08
CA LYS A 146 -0.24 9.50 -17.12
C LYS A 146 -0.97 9.40 -15.76
N GLU A 147 -0.70 10.32 -14.83
CA GLU A 147 -1.34 10.34 -13.51
C GLU A 147 -2.87 10.46 -13.62
N VAL A 148 -3.34 11.42 -14.43
CA VAL A 148 -4.77 11.71 -14.58
C VAL A 148 -5.47 10.60 -15.36
N ALA A 149 -4.79 10.03 -16.39
CA ALA A 149 -5.35 8.90 -17.12
C ALA A 149 -5.51 7.69 -16.19
N SER A 150 -4.58 7.50 -15.24
CA SER A 150 -4.65 6.39 -14.28
C SER A 150 -5.89 6.52 -13.38
N LEU A 151 -6.18 7.72 -12.89
CA LEU A 151 -7.36 7.98 -12.08
C LEU A 151 -8.63 7.70 -12.90
N LEU A 152 -8.63 8.15 -14.18
CA LEU A 152 -9.78 7.92 -15.07
C LEU A 152 -9.95 6.44 -15.39
N ALA A 153 -8.84 5.68 -15.56
CA ALA A 153 -8.90 4.23 -15.80
C ALA A 153 -9.56 3.53 -14.59
N TRP A 154 -9.20 3.98 -13.38
CA TRP A 154 -9.77 3.42 -12.15
C TRP A 154 -11.27 3.71 -12.02
N THR A 155 -11.77 4.80 -12.64
CA THR A 155 -13.17 5.15 -12.61
C THR A 155 -13.89 4.38 -13.72
N HIS A 156 -13.39 4.42 -14.96
CA HIS A 156 -14.03 3.75 -16.09
C HIS A 156 -14.07 2.22 -15.97
N GLN A 157 -13.09 1.58 -15.27
CA GLN A 157 -13.12 0.13 -15.07
C GLN A 157 -14.39 -0.30 -14.31
N MET A 158 -15.03 0.60 -13.54
CA MET A 158 -16.27 0.30 -12.79
C MET A 158 -17.47 0.03 -13.70
N LYS A 159 -17.39 0.44 -14.98
CA LYS A 159 -18.46 0.22 -15.96
C LYS A 159 -18.26 -1.05 -16.79
N ALA A 160 -17.10 -1.73 -16.66
CA ALA A 160 -16.83 -2.93 -17.43
C ALA A 160 -17.79 -4.03 -17.04
N LYS A 161 -18.13 -4.87 -18.01
CA LYS A 161 -19.07 -5.96 -17.79
C LYS A 161 -18.52 -7.35 -18.07
N ASN A 162 -17.27 -7.43 -18.50
CA ASN A 162 -16.58 -8.68 -18.80
C ASN A 162 -15.06 -8.45 -18.77
N TRP A 163 -14.29 -9.52 -18.89
CA TRP A 163 -12.85 -9.49 -18.86
C TRP A 163 -12.25 -8.57 -19.93
N PRO A 164 -12.60 -8.69 -21.23
CA PRO A 164 -12.04 -7.75 -22.22
C PRO A 164 -12.29 -6.28 -21.96
N GLU A 165 -13.51 -5.90 -21.54
CA GLU A 165 -13.78 -4.48 -21.25
C GLU A 165 -12.94 -4.01 -20.05
N TRP A 166 -12.78 -4.88 -19.06
CA TRP A 166 -12.02 -4.56 -17.86
C TRP A 166 -10.53 -4.43 -18.13
N THR A 167 -9.94 -5.37 -18.89
CA THR A 167 -8.52 -5.31 -19.25
C THR A 167 -8.23 -4.11 -20.15
N GLN A 168 -9.23 -3.62 -20.91
CA GLN A 168 -9.04 -2.42 -21.72
C GLN A 168 -8.73 -1.21 -20.81
N GLN A 169 -9.38 -1.15 -19.62
CA GLN A 169 -9.13 -0.09 -18.67
C GLN A 169 -7.84 -0.36 -17.87
N ALA A 170 -7.55 -1.64 -17.58
CA ALA A 170 -6.33 -2.02 -16.86
C ALA A 170 -5.08 -1.56 -17.62
N ALA A 171 -5.12 -1.60 -18.97
CA ALA A 171 -4.01 -1.14 -19.83
C ALA A 171 -3.77 0.36 -19.74
N LYS A 172 -4.77 1.14 -19.32
CA LYS A 172 -4.68 2.59 -19.18
C LYS A 172 -4.27 3.05 -17.76
N GLN A 173 -4.12 2.12 -16.81
CA GLN A 173 -3.75 2.45 -15.45
C GLN A 173 -2.22 2.32 -15.40
N ALA A 174 -1.51 3.45 -15.30
CA ALA A 174 -0.05 3.48 -15.41
C ALA A 174 0.74 3.21 -14.12
N LEU A 175 0.10 3.33 -12.96
CA LEU A 175 0.79 3.07 -11.68
C LEU A 175 1.02 1.57 -11.50
N THR A 176 2.12 1.16 -10.85
CA THR A 176 2.39 -0.26 -10.66
C THR A 176 1.58 -0.85 -9.51
N ILE A 177 0.38 -1.32 -9.82
CA ILE A 177 -0.58 -1.84 -8.85
C ILE A 177 -1.19 -3.13 -9.37
N ASN A 178 -1.40 -4.11 -8.49
CA ASN A 178 -2.08 -5.35 -8.90
C ASN A 178 -3.59 -5.07 -8.94
N TRP A 179 -4.28 -5.52 -9.98
CA TRP A 179 -5.73 -5.40 -10.14
C TRP A 179 -6.32 -6.81 -10.18
N TYR A 180 -7.53 -6.98 -9.61
CA TYR A 180 -8.19 -8.30 -9.55
C TYR A 180 -9.61 -8.20 -10.03
N TYR A 181 -10.08 -9.27 -10.66
CA TYR A 181 -11.40 -9.34 -11.27
C TYR A 181 -12.14 -10.60 -10.83
N ALA A 182 -13.46 -10.51 -10.66
CA ALA A 182 -14.36 -11.65 -10.46
C ALA A 182 -15.69 -11.30 -11.13
N ASP A 183 -16.48 -12.31 -11.55
CA ASP A 183 -17.76 -11.95 -12.17
C ASP A 183 -18.88 -12.95 -11.81
N VAL A 184 -20.12 -12.57 -12.14
CA VAL A 184 -21.36 -13.29 -11.89
C VAL A 184 -21.35 -14.72 -12.47
N ASN A 185 -20.55 -14.98 -13.50
CA ASN A 185 -20.43 -16.32 -14.08
C ASN A 185 -19.34 -17.19 -13.45
N GLY A 186 -18.65 -16.67 -12.42
CA GLY A 186 -17.61 -17.42 -11.74
C GLY A 186 -16.22 -17.28 -12.32
N ASN A 187 -16.04 -16.36 -13.27
CA ASN A 187 -14.71 -16.15 -13.85
C ASN A 187 -13.89 -15.29 -12.90
N ILE A 188 -12.57 -15.52 -12.85
CA ILE A 188 -11.67 -14.72 -12.01
C ILE A 188 -10.45 -14.33 -12.83
N GLY A 189 -9.85 -13.19 -12.48
CA GLY A 189 -8.71 -12.71 -13.23
C GLY A 189 -7.80 -11.78 -12.46
N TYR A 190 -6.62 -11.63 -12.99
CA TYR A 190 -5.60 -10.80 -12.37
C TYR A 190 -4.77 -10.12 -13.45
N VAL A 191 -4.42 -8.86 -13.23
CA VAL A 191 -3.50 -8.13 -14.10
C VAL A 191 -2.57 -7.34 -13.18
N HIS A 192 -1.26 -7.49 -13.34
CA HIS A 192 -0.31 -6.65 -12.63
C HIS A 192 -0.19 -5.42 -13.55
N THR A 193 -0.97 -4.38 -13.27
CA THR A 193 -1.03 -3.19 -14.12
C THR A 193 0.19 -2.27 -13.94
N GLY A 194 0.36 -1.36 -14.89
CA GLY A 194 1.39 -0.34 -14.82
C GLY A 194 2.16 -0.14 -16.10
N ALA A 195 2.69 1.07 -16.25
CA ALA A 195 3.54 1.43 -17.36
C ALA A 195 4.95 1.01 -16.93
N TYR A 196 5.66 0.28 -17.79
CA TYR A 196 6.99 -0.22 -17.50
C TYR A 196 7.95 0.18 -18.60
N PRO A 197 9.15 0.64 -18.24
CA PRO A 197 10.10 1.08 -19.27
C PRO A 197 10.73 -0.05 -20.08
N ASP A 198 10.93 0.20 -21.40
CA ASP A 198 11.60 -0.71 -22.34
C ASP A 198 13.02 -0.19 -22.31
N ARG A 199 13.88 -0.81 -21.51
CA ARG A 199 15.23 -0.31 -21.29
C ARG A 199 16.24 -0.73 -22.33
N GLN A 200 17.30 0.08 -22.50
CA GLN A 200 18.43 -0.27 -23.38
C GLN A 200 19.08 -1.55 -22.89
N PRO A 201 19.64 -2.37 -23.80
CA PRO A 201 20.36 -3.58 -23.35
C PRO A 201 21.51 -3.23 -22.42
N GLY A 202 21.65 -3.99 -21.35
CA GLY A 202 22.71 -3.74 -20.38
C GLY A 202 22.36 -2.79 -19.26
N HIS A 203 21.17 -2.15 -19.32
CA HIS A 203 20.73 -1.22 -18.28
C HIS A 203 20.38 -2.03 -17.00
N ASP A 204 21.16 -1.83 -15.93
CA ASP A 204 20.88 -2.48 -14.65
C ASP A 204 19.96 -1.51 -13.89
N PRO A 205 18.68 -1.86 -13.73
CA PRO A 205 17.72 -0.91 -13.15
C PRO A 205 17.83 -0.67 -11.65
N ARG A 206 18.77 -1.36 -10.98
CA ARG A 206 19.02 -1.17 -9.57
C ARG A 206 19.96 0.03 -9.30
N LEU A 207 20.59 0.59 -10.34
CA LEU A 207 21.56 1.66 -10.17
C LEU A 207 21.34 2.78 -11.18
N PRO A 208 21.80 4.00 -10.87
CA PRO A 208 21.64 5.10 -11.83
C PRO A 208 22.34 4.84 -13.16
N VAL A 209 21.83 5.48 -14.22
CA VAL A 209 22.43 5.43 -15.55
C VAL A 209 22.67 6.87 -16.00
N PRO A 210 23.68 7.11 -16.86
CA PRO A 210 23.93 8.47 -17.34
C PRO A 210 22.73 9.00 -18.14
N GLY A 211 22.46 10.28 -17.99
CA GLY A 211 21.37 10.94 -18.68
C GLY A 211 21.76 11.58 -20.00
N THR A 212 22.97 11.30 -20.50
CA THR A 212 23.51 11.94 -21.72
C THR A 212 22.89 11.48 -23.05
N GLY A 213 22.01 10.50 -23.02
CA GLY A 213 21.29 10.08 -24.22
C GLY A 213 21.33 8.60 -24.50
N LYS A 214 22.52 7.98 -24.37
CA LYS A 214 22.76 6.55 -24.65
C LYS A 214 21.93 5.58 -23.84
N TRP A 215 21.53 5.98 -22.63
CA TRP A 215 20.78 5.10 -21.74
C TRP A 215 19.31 5.45 -21.59
N ASP A 216 18.80 6.36 -22.45
CA ASP A 216 17.39 6.72 -22.39
C ASP A 216 16.55 5.50 -22.71
N TRP A 217 15.40 5.36 -22.06
CA TRP A 217 14.50 4.24 -22.34
C TRP A 217 14.10 4.29 -23.84
N LYS A 218 13.98 3.13 -24.46
CA LYS A 218 13.50 3.05 -25.86
C LYS A 218 12.04 3.53 -25.96
N GLY A 219 11.29 3.41 -24.85
CA GLY A 219 9.89 3.76 -24.70
C GLY A 219 9.29 2.90 -23.61
N LEU A 220 8.01 2.54 -23.73
CA LEU A 220 7.36 1.70 -22.73
C LEU A 220 7.07 0.32 -23.29
N LEU A 221 7.12 -0.70 -22.44
CA LEU A 221 6.81 -2.05 -22.85
C LEU A 221 5.33 -2.15 -23.20
N SER A 222 4.99 -3.11 -24.04
CA SER A 222 3.60 -3.35 -24.43
C SER A 222 2.81 -3.90 -23.23
N PHE A 223 1.51 -3.63 -23.20
CA PHE A 223 0.61 -4.22 -22.20
C PHE A 223 0.58 -5.75 -22.31
N ASP A 224 0.93 -6.33 -23.49
CA ASP A 224 1.01 -7.78 -23.65
C ASP A 224 2.01 -8.39 -22.64
N LEU A 225 3.02 -7.61 -22.19
CA LEU A 225 4.03 -8.10 -21.25
C LEU A 225 3.61 -7.98 -19.79
N ASN A 226 2.53 -7.21 -19.48
CA ASN A 226 2.10 -7.10 -18.08
C ASN A 226 1.56 -8.45 -17.63
N PRO A 227 2.06 -8.98 -16.49
CA PRO A 227 1.56 -10.25 -15.99
C PRO A 227 0.04 -10.27 -15.84
N LYS A 228 -0.58 -11.32 -16.35
CA LYS A 228 -2.02 -11.49 -16.26
C LYS A 228 -2.41 -12.95 -16.35
N VAL A 229 -3.53 -13.30 -15.71
CA VAL A 229 -4.07 -14.65 -15.79
C VAL A 229 -5.58 -14.55 -15.70
N TYR A 230 -6.28 -15.40 -16.44
CA TYR A 230 -7.74 -15.45 -16.45
C TYR A 230 -8.11 -16.90 -16.22
N ASN A 231 -8.90 -17.17 -15.18
CA ASN A 231 -9.34 -18.50 -14.79
C ASN A 231 -8.16 -19.46 -14.64
N PRO A 232 -7.25 -19.22 -13.67
CA PRO A 232 -6.11 -20.11 -13.51
C PRO A 232 -6.54 -21.52 -13.13
N GLN A 233 -5.74 -22.51 -13.53
CA GLN A 233 -5.99 -23.93 -13.27
C GLN A 233 -6.17 -24.21 -11.77
N SER A 234 -5.48 -23.44 -10.92
CA SER A 234 -5.59 -23.60 -9.48
C SER A 234 -6.99 -23.28 -8.91
N GLY A 235 -7.77 -22.49 -9.65
CA GLY A 235 -9.09 -22.09 -9.18
C GLY A 235 -9.09 -20.88 -8.26
N TYR A 236 -7.91 -20.29 -8.03
CA TYR A 236 -7.80 -19.11 -7.17
C TYR A 236 -6.61 -18.24 -7.51
N ILE A 237 -6.67 -16.98 -7.06
CA ILE A 237 -5.64 -15.97 -7.22
C ILE A 237 -5.39 -15.37 -5.85
N ALA A 238 -4.17 -15.49 -5.32
CA ALA A 238 -3.85 -14.94 -4.01
C ALA A 238 -2.63 -14.04 -4.10
N ASN A 239 -2.61 -12.99 -3.27
CA ASN A 239 -1.48 -12.08 -3.28
C ASN A 239 -1.32 -11.42 -1.92
N TRP A 240 -0.08 -11.17 -1.50
CA TRP A 240 0.17 -10.41 -0.28
C TRP A 240 1.42 -9.58 -0.52
N ASN A 241 1.41 -8.78 -1.62
CA ASN A 241 2.50 -7.94 -2.14
C ASN A 241 3.65 -8.74 -2.76
N ASN A 242 3.42 -10.03 -3.05
CA ASN A 242 4.45 -10.90 -3.61
C ASN A 242 4.54 -10.77 -5.13
N SER A 243 5.52 -11.43 -5.72
CA SER A 243 5.74 -11.43 -7.17
C SER A 243 4.50 -11.84 -7.98
N PRO A 244 4.25 -11.14 -9.10
CA PRO A 244 3.13 -11.53 -9.96
C PRO A 244 3.36 -12.86 -10.68
N GLN A 245 4.60 -13.14 -11.13
CA GLN A 245 4.90 -14.32 -11.92
C GLN A 245 6.41 -14.62 -11.98
N LYS A 246 6.78 -15.84 -12.38
CA LYS A 246 8.17 -16.26 -12.42
C LYS A 246 9.06 -15.32 -13.24
N ASP A 247 10.24 -14.97 -12.69
CA ASP A 247 11.20 -14.06 -13.31
C ASP A 247 10.73 -12.61 -13.41
N TYR A 248 9.63 -12.21 -12.72
CA TYR A 248 9.20 -10.81 -12.76
C TYR A 248 10.04 -10.01 -11.78
N PRO A 249 10.66 -8.91 -12.23
CA PRO A 249 11.54 -8.15 -11.35
C PRO A 249 10.84 -7.15 -10.43
N ALA A 250 11.23 -7.16 -9.16
CA ALA A 250 10.72 -6.25 -8.14
C ALA A 250 11.28 -4.84 -8.32
N SER A 251 10.71 -3.82 -7.61
CA SER A 251 11.25 -2.47 -7.57
C SER A 251 12.69 -2.55 -7.04
N ASP A 252 13.47 -1.52 -7.31
CA ASP A 252 14.89 -1.52 -6.97
C ASP A 252 15.17 -1.19 -5.49
N LEU A 253 14.14 -1.01 -4.64
CA LEU A 253 14.37 -0.71 -3.22
C LEU A 253 15.24 -1.77 -2.54
N PHE A 254 16.35 -1.37 -1.89
CA PHE A 254 17.21 -2.33 -1.17
C PHE A 254 16.38 -3.08 -0.08
N ALA A 255 15.32 -2.44 0.46
CA ALA A 255 14.49 -3.04 1.51
C ALA A 255 13.36 -3.93 0.96
N PHE A 256 13.26 -4.10 -0.36
CA PHE A 256 12.17 -4.87 -0.95
C PHE A 256 12.70 -6.02 -1.79
N LEU A 257 12.31 -7.25 -1.43
CA LEU A 257 12.71 -8.43 -2.17
C LEU A 257 11.53 -9.40 -2.32
N TRP A 258 11.55 -10.15 -3.43
CA TRP A 258 10.62 -11.25 -3.69
C TRP A 258 11.54 -12.46 -3.74
N GLY A 259 11.59 -13.22 -2.66
CA GLY A 259 12.46 -14.39 -2.56
C GLY A 259 11.74 -15.63 -2.09
N GLY A 260 12.49 -16.70 -1.80
CA GLY A 260 11.92 -17.96 -1.32
C GLY A 260 11.09 -17.78 -0.07
N ALA A 261 11.47 -16.81 0.79
CA ALA A 261 10.69 -16.52 1.99
C ALA A 261 9.70 -15.39 1.63
N ASP A 262 8.39 -15.71 1.66
CA ASP A 262 7.35 -14.74 1.33
C ASP A 262 6.08 -15.03 2.13
N ARG A 263 5.46 -13.98 2.72
CA ARG A 263 4.25 -14.16 3.53
C ARG A 263 3.05 -14.64 2.73
N ALA A 264 3.06 -14.45 1.39
CA ALA A 264 1.94 -14.92 0.56
C ALA A 264 1.75 -16.42 0.64
N THR A 265 2.83 -17.18 0.93
CA THR A 265 2.76 -18.63 1.12
C THR A 265 1.72 -19.01 2.20
N GLU A 266 1.53 -18.14 3.20
CA GLU A 266 0.55 -18.40 4.26
C GLU A 266 -0.88 -18.46 3.72
N ILE A 267 -1.22 -17.68 2.67
CA ILE A 267 -2.57 -17.72 2.12
C ILE A 267 -2.78 -19.03 1.34
N ASP A 268 -1.80 -19.42 0.53
CA ASP A 268 -1.83 -20.68 -0.24
C ASP A 268 -1.99 -21.87 0.72
N THR A 269 -1.29 -21.83 1.85
CA THR A 269 -1.35 -22.91 2.86
C THR A 269 -2.78 -23.14 3.31
N ILE A 270 -3.50 -22.05 3.61
CA ILE A 270 -4.89 -22.12 4.00
C ILE A 270 -5.79 -22.58 2.85
N LEU A 271 -5.66 -21.94 1.67
CA LEU A 271 -6.52 -22.23 0.54
C LEU A 271 -6.36 -23.63 -0.04
N ASP A 272 -5.17 -24.22 0.02
CA ASP A 272 -4.93 -25.57 -0.50
C ASP A 272 -5.41 -26.69 0.44
N LYS A 273 -5.76 -26.38 1.70
CA LYS A 273 -6.12 -27.41 2.67
C LYS A 273 -7.48 -28.04 2.49
N GLN A 274 -8.37 -27.39 1.73
CA GLN A 274 -9.68 -27.95 1.47
C GLN A 274 -10.09 -27.65 0.04
N PRO A 275 -10.95 -28.49 -0.57
CA PRO A 275 -11.28 -28.29 -1.98
C PRO A 275 -12.06 -27.02 -2.27
N ARG A 276 -13.03 -26.68 -1.41
CA ARG A 276 -13.88 -25.53 -1.65
C ARG A 276 -14.08 -24.67 -0.42
N PHE A 277 -14.39 -23.38 -0.62
CA PHE A 277 -14.63 -22.45 0.48
C PHE A 277 -15.97 -21.80 0.29
N THR A 278 -16.73 -21.69 1.36
CA THR A 278 -17.98 -20.94 1.34
C THR A 278 -17.59 -19.43 1.52
N ALA A 279 -18.57 -18.52 1.44
CA ALA A 279 -18.37 -17.11 1.71
C ALA A 279 -17.82 -16.89 3.13
N ASP A 280 -18.45 -17.53 4.18
CA ASP A 280 -17.98 -17.40 5.55
C ASP A 280 -16.57 -17.94 5.73
N GLN A 281 -16.25 -19.08 5.11
CA GLN A 281 -14.91 -19.66 5.22
C GLN A 281 -13.85 -18.78 4.51
N ALA A 282 -14.22 -18.14 3.39
CA ALA A 282 -13.29 -17.23 2.70
C ALA A 282 -13.01 -16.01 3.58
N TRP A 283 -14.04 -15.48 4.23
CA TRP A 283 -13.90 -14.34 5.12
C TRP A 283 -13.02 -14.70 6.33
N ASP A 284 -13.16 -15.93 6.83
CA ASP A 284 -12.40 -16.42 7.97
C ASP A 284 -10.88 -16.51 7.72
N VAL A 285 -10.46 -16.49 6.45
CA VAL A 285 -9.04 -16.42 6.09
C VAL A 285 -8.40 -15.10 6.65
N ILE A 286 -9.21 -14.04 6.83
CA ILE A 286 -8.75 -12.79 7.41
C ILE A 286 -8.31 -13.03 8.85
N ARG A 287 -9.17 -13.67 9.68
CA ARG A 287 -8.81 -13.97 11.08
C ARG A 287 -7.50 -14.79 11.15
N GLN A 288 -7.40 -15.84 10.33
CA GLN A 288 -6.23 -16.73 10.34
C GLN A 288 -4.94 -16.02 9.93
N THR A 289 -4.95 -15.31 8.78
CA THR A 289 -3.74 -14.61 8.35
C THR A 289 -3.36 -13.48 9.29
N SER A 290 -4.36 -12.82 9.92
CA SER A 290 -4.11 -11.70 10.85
CA SER A 290 -4.05 -11.70 10.81
C SER A 290 -3.29 -12.12 12.07
N ARG A 291 -3.45 -13.37 12.50
CA ARG A 291 -2.80 -13.86 13.71
C ARG A 291 -1.58 -14.73 13.49
N ARG A 292 -1.19 -14.92 12.23
CA ARG A 292 -0.08 -15.77 11.86
C ARG A 292 1.28 -15.16 12.16
N ASP A 293 2.16 -15.92 12.85
CA ASP A 293 3.55 -15.50 12.99
C ASP A 293 4.17 -15.90 11.62
N LEU A 294 4.80 -14.96 10.94
CA LEU A 294 5.33 -15.21 9.59
C LEU A 294 6.72 -15.85 9.55
N ASN A 295 7.41 -15.93 10.70
CA ASN A 295 8.79 -16.43 10.71
C ASN A 295 8.95 -17.86 11.17
N LEU A 296 7.98 -18.37 11.94
CA LEU A 296 8.07 -19.74 12.47
C LEU A 296 8.34 -20.80 11.38
N ARG A 297 7.52 -20.79 10.32
CA ARG A 297 7.61 -21.69 9.18
C ARG A 297 9.01 -21.68 8.53
N LEU A 298 9.62 -20.50 8.45
CA LEU A 298 10.91 -20.33 7.81
C LEU A 298 12.09 -20.88 8.60
N PHE A 299 12.11 -20.65 9.93
CA PHE A 299 13.30 -20.94 10.72
C PHE A 299 13.22 -22.09 11.68
N LEU A 300 12.01 -22.60 11.97
CA LEU A 300 11.88 -23.75 12.87
C LEU A 300 12.68 -24.99 12.40
N PRO A 301 12.69 -25.37 11.09
CA PRO A 301 13.51 -26.53 10.70
C PRO A 301 14.99 -26.40 11.06
N ALA A 302 15.63 -25.24 10.76
CA ALA A 302 17.03 -25.02 11.09
C ALA A 302 17.26 -24.99 12.60
N LEU A 303 16.28 -24.45 13.36
CA LEU A 303 16.38 -24.39 14.82
C LEU A 303 16.33 -25.81 15.43
N LYS A 304 15.42 -26.65 14.94
CA LYS A 304 15.28 -28.03 15.40
C LYS A 304 16.58 -28.80 15.07
N ASP A 305 17.15 -28.62 13.85
CA ASP A 305 18.38 -29.33 13.48
C ASP A 305 19.55 -28.91 14.37
N ALA A 306 19.70 -27.60 14.62
CA ALA A 306 20.80 -27.11 15.46
C ALA A 306 20.71 -27.61 16.92
N THR A 307 19.51 -27.76 17.45
CA THR A 307 19.33 -28.19 18.85
C THR A 307 18.99 -29.69 18.99
N ALA A 308 19.07 -30.47 17.92
CA ALA A 308 18.64 -31.87 17.92
C ALA A 308 19.36 -32.73 18.96
N ASN A 309 20.62 -32.46 19.20
CA ASN A 309 21.38 -33.25 20.19
C ASN A 309 21.46 -32.62 21.57
N LEU A 310 20.71 -31.54 21.82
CA LEU A 310 20.68 -30.92 23.14
C LEU A 310 19.65 -31.59 24.02
N ALA A 311 19.97 -31.77 25.32
CA ALA A 311 19.03 -32.36 26.26
C ALA A 311 17.95 -31.32 26.69
N GLU A 312 16.82 -31.78 27.23
CA GLU A 312 15.77 -30.86 27.70
C GLU A 312 16.22 -29.93 28.82
N ASN A 313 17.34 -30.25 29.53
CA ASN A 313 17.85 -29.31 30.56
C ASN A 313 18.58 -28.11 29.96
N ASP A 314 18.75 -28.06 28.62
CA ASP A 314 19.47 -26.99 27.98
C ASP A 314 18.45 -25.89 27.63
N PRO A 315 18.71 -24.64 28.04
CA PRO A 315 17.75 -23.56 27.72
C PRO A 315 17.60 -23.31 26.23
N ARG A 316 18.65 -23.54 25.42
CA ARG A 316 18.54 -23.39 23.96
C ARG A 316 17.53 -24.41 23.42
N ARG A 317 17.55 -25.65 23.97
CA ARG A 317 16.58 -26.67 23.57
C ARG A 317 15.19 -26.32 24.09
N GLN A 318 15.09 -25.74 25.31
CA GLN A 318 13.79 -25.36 25.85
C GLN A 318 13.09 -24.32 24.98
N LEU A 319 13.86 -23.37 24.44
CA LEU A 319 13.30 -22.31 23.57
C LEU A 319 12.76 -22.96 22.30
N VAL A 320 13.55 -23.85 21.69
CA VAL A 320 13.12 -24.51 20.45
C VAL A 320 11.97 -25.46 20.68
N ASP A 321 11.94 -26.20 21.81
CA ASP A 321 10.80 -27.08 22.10
C ASP A 321 9.50 -26.26 22.22
N LYS A 322 9.58 -25.05 22.80
CA LYS A 322 8.42 -24.18 22.94
C LYS A 322 7.90 -23.76 21.55
N LEU A 323 8.81 -23.44 20.62
CA LEU A 323 8.45 -23.12 19.24
C LEU A 323 7.88 -24.34 18.51
N ALA A 324 8.46 -25.53 18.77
CA ALA A 324 8.05 -26.78 18.13
C ALA A 324 6.66 -27.24 18.58
N SER A 325 6.21 -26.84 19.78
CA SER A 325 4.85 -27.22 20.22
C SER A 325 3.78 -26.16 19.82
N TRP A 326 4.20 -25.07 19.22
CA TRP A 326 3.35 -23.96 18.87
C TRP A 326 2.72 -24.12 17.50
N ASP A 327 1.42 -23.77 17.39
CA ASP A 327 0.76 -23.80 16.08
C ASP A 327 1.12 -22.57 15.21
N GLY A 328 1.84 -21.59 15.76
CA GLY A 328 2.24 -20.39 15.06
C GLY A 328 1.20 -19.30 14.99
N GLU A 329 0.07 -19.47 15.69
CA GLU A 329 -0.99 -18.47 15.73
C GLU A 329 -0.90 -17.72 17.06
N ASN A 330 -1.00 -16.37 17.00
CA ASN A 330 -0.95 -15.54 18.19
C ASN A 330 -2.34 -15.19 18.64
N LEU A 331 -2.62 -15.41 19.92
CA LEU A 331 -3.88 -15.07 20.56
C LEU A 331 -3.59 -14.25 21.80
N VAL A 332 -4.45 -13.29 22.12
CA VAL A 332 -4.24 -12.44 23.27
C VAL A 332 -4.88 -13.08 24.51
N ASN A 333 -4.21 -12.99 25.66
CA ASN A 333 -4.74 -13.49 26.92
C ASN A 333 -5.95 -12.64 27.35
N ASP A 334 -6.71 -13.13 28.35
CA ASP A 334 -7.88 -12.43 28.90
C ASP A 334 -7.55 -11.01 29.34
N ASP A 335 -6.31 -10.78 29.79
CA ASP A 335 -5.86 -9.46 30.23
C ASP A 335 -5.79 -8.39 29.12
N GLY A 336 -5.90 -8.81 27.85
CA GLY A 336 -5.81 -7.92 26.70
C GLY A 336 -4.46 -7.24 26.52
N LYS A 337 -3.43 -7.74 27.23
CA LYS A 337 -2.11 -7.13 27.22
C LYS A 337 -0.99 -8.07 26.83
N THR A 338 -1.20 -9.39 26.95
CA THR A 338 -0.14 -10.36 26.68
C THR A 338 -0.56 -11.45 25.72
N TYR A 339 0.40 -12.07 25.01
CA TYR A 339 0.11 -13.18 24.12
C TYR A 339 0.05 -14.50 24.91
N GLN A 340 -0.77 -15.44 24.47
CA GLN A 340 -0.90 -16.75 25.11
C GLN A 340 0.39 -17.56 25.03
N GLN A 341 1.16 -17.39 23.93
CA GLN A 341 2.41 -18.11 23.73
C GLN A 341 3.55 -17.13 23.51
N PRO A 342 4.78 -17.47 23.96
CA PRO A 342 5.90 -16.53 23.81
C PRO A 342 6.68 -16.63 22.47
N GLY A 343 6.20 -17.45 21.54
CA GLY A 343 6.88 -17.73 20.28
C GLY A 343 7.41 -16.55 19.49
N SER A 344 6.57 -15.51 19.27
CA SER A 344 7.03 -14.34 18.52
C SER A 344 8.17 -13.59 19.21
N ALA A 345 8.14 -13.48 20.55
CA ALA A 345 9.23 -12.83 21.29
C ALA A 345 10.53 -13.65 21.18
N ILE A 346 10.41 -14.99 21.22
CA ILE A 346 11.58 -15.86 21.09
C ILE A 346 12.18 -15.70 19.68
N LEU A 347 11.33 -15.71 18.65
CA LEU A 347 11.80 -15.52 17.26
C LEU A 347 12.40 -14.14 17.06
N ASN A 348 11.81 -13.11 17.67
CA ASN A 348 12.35 -11.75 17.57
C ASN A 348 13.76 -11.69 18.14
N ALA A 349 13.94 -12.20 19.37
CA ALA A 349 15.26 -12.15 20.01
C ALA A 349 16.28 -12.98 19.21
N TRP A 350 15.89 -14.18 18.78
CA TRP A 350 16.81 -15.03 18.02
C TRP A 350 17.17 -14.42 16.65
N LEU A 351 16.17 -13.97 15.89
CA LEU A 351 16.37 -13.40 14.56
C LEU A 351 17.17 -12.12 14.65
N THR A 352 16.94 -11.25 15.67
CA THR A 352 17.73 -10.03 15.85
C THR A 352 19.23 -10.38 16.03
N SER A 353 19.52 -11.37 16.90
CA SER A 353 20.90 -11.82 17.09
C SER A 353 21.47 -12.48 15.80
N MET A 354 20.69 -13.35 15.14
CA MET A 354 21.10 -14.01 13.89
C MET A 354 21.49 -13.01 12.82
N LEU A 355 20.67 -11.96 12.64
CA LEU A 355 20.97 -10.96 11.62
C LEU A 355 22.23 -10.21 11.93
N LYS A 356 22.46 -9.84 13.20
CA LYS A 356 23.71 -9.18 13.63
C LYS A 356 24.93 -10.03 13.29
N ARG A 357 24.86 -11.34 13.48
CA ARG A 357 25.97 -12.28 13.26
C ARG A 357 26.15 -12.68 11.80
N THR A 358 25.14 -12.47 10.94
CA THR A 358 25.22 -12.94 9.56
C THR A 358 25.19 -11.74 8.55
N VAL A 359 24.01 -11.31 8.08
CA VAL A 359 23.87 -10.27 7.07
C VAL A 359 24.49 -8.96 7.47
N VAL A 360 24.22 -8.51 8.70
CA VAL A 360 24.76 -7.26 9.17
C VAL A 360 26.29 -7.23 9.17
N ALA A 361 26.91 -8.32 9.63
CA ALA A 361 28.36 -8.46 9.71
C ALA A 361 29.00 -8.54 8.31
N ALA A 362 28.28 -9.06 7.32
CA ALA A 362 28.81 -9.18 5.95
C ALA A 362 28.75 -7.87 5.15
N VAL A 363 27.92 -6.92 5.60
CA VAL A 363 27.74 -5.67 4.90
C VAL A 363 28.50 -4.56 5.62
N PRO A 364 29.26 -3.75 4.89
CA PRO A 364 30.04 -2.69 5.55
C PRO A 364 29.15 -1.60 6.12
N ALA A 365 29.60 -0.98 7.20
CA ALA A 365 28.88 0.14 7.78
C ALA A 365 28.96 1.34 6.80
N PRO A 366 27.91 2.18 6.71
CA PRO A 366 26.70 2.18 7.54
C PRO A 366 25.53 1.40 6.96
N PHE A 367 25.79 0.45 6.06
CA PHE A 367 24.73 -0.27 5.39
C PHE A 367 24.19 -1.48 6.13
N GLY A 368 24.88 -1.91 7.19
CA GLY A 368 24.42 -3.05 7.99
C GLY A 368 23.06 -2.81 8.61
N LYS A 369 22.76 -1.53 8.95
CA LYS A 369 21.48 -1.15 9.53
C LYS A 369 20.28 -1.43 8.60
N TRP A 370 20.53 -1.57 7.27
CA TRP A 370 19.44 -1.88 6.34
C TRP A 370 18.93 -3.32 6.51
N TYR A 371 19.73 -4.20 7.09
CA TYR A 371 19.42 -5.61 7.21
C TYR A 371 19.33 -6.10 8.66
N SER A 372 19.21 -5.19 9.62
CA SER A 372 19.19 -5.59 11.03
C SER A 372 17.79 -5.84 11.64
N ALA A 373 16.71 -5.31 11.03
CA ALA A 373 15.36 -5.49 11.61
C ALA A 373 14.89 -6.92 11.53
N SER A 374 14.26 -7.42 12.59
CA SER A 374 13.74 -8.78 12.62
C SER A 374 12.37 -8.92 11.98
N GLY A 375 11.63 -7.83 11.87
CA GLY A 375 10.25 -7.89 11.37
C GLY A 375 9.22 -7.77 12.49
N TYR A 376 9.68 -7.78 13.77
CA TYR A 376 8.79 -7.64 14.93
C TYR A 376 8.80 -6.25 15.53
N GLU A 377 9.44 -5.27 14.90
CA GLU A 377 9.51 -3.91 15.41
C GLU A 377 8.13 -3.32 15.65
N THR A 378 7.96 -2.70 16.82
CA THR A 378 6.68 -2.17 17.28
C THR A 378 6.93 -1.07 18.34
N THR A 379 5.88 -0.32 18.67
CA THR A 379 5.88 0.71 19.72
C THR A 379 4.66 0.39 20.63
N GLN A 380 4.43 1.18 21.72
CA GLN A 380 3.25 0.93 22.54
C GLN A 380 1.94 1.13 21.74
N ASP A 381 1.98 1.90 20.62
CA ASP A 381 0.81 2.05 19.76
C ASP A 381 0.64 0.91 18.73
N GLY A 382 1.64 0.06 18.62
CA GLY A 382 1.62 -1.08 17.72
C GLY A 382 2.19 -0.77 16.35
N PRO A 383 2.34 -1.79 15.53
CA PRO A 383 2.88 -1.57 14.16
C PRO A 383 2.06 -0.53 13.37
N THR A 384 2.72 0.36 12.62
CA THR A 384 2.00 1.35 11.81
C THR A 384 1.42 0.75 10.50
N GLY A 385 1.84 -0.45 10.14
CA GLY A 385 1.37 -1.10 8.93
C GLY A 385 1.27 -2.59 9.11
N SER A 386 1.47 -3.32 8.02
CA SER A 386 1.43 -4.77 8.06
C SER A 386 2.70 -5.33 8.72
N LEU A 387 2.69 -6.59 9.11
CA LEU A 387 3.88 -7.28 9.53
C LEU A 387 4.31 -8.09 8.32
N ASN A 388 5.60 -8.14 8.07
CA ASN A 388 6.15 -8.89 6.96
C ASN A 388 7.44 -9.60 7.44
N ILE A 389 7.99 -10.48 6.60
CA ILE A 389 9.29 -11.09 6.80
C ILE A 389 10.27 -9.96 6.43
N SER A 390 11.23 -9.64 7.31
CA SER A 390 12.16 -8.54 7.04
C SER A 390 13.11 -8.84 5.88
N VAL A 391 13.72 -7.80 5.27
CA VAL A 391 14.65 -8.03 4.17
C VAL A 391 15.87 -8.88 4.63
N GLY A 392 16.35 -8.61 5.84
CA GLY A 392 17.44 -9.36 6.46
C GLY A 392 17.07 -10.82 6.65
N ALA A 393 15.84 -11.07 7.13
CA ALA A 393 15.36 -12.45 7.29
C ALA A 393 15.24 -13.19 5.93
N LYS A 394 14.81 -12.47 4.87
CA LYS A 394 14.71 -13.10 3.54
C LYS A 394 16.09 -13.52 3.06
N ILE A 395 17.10 -12.66 3.25
CA ILE A 395 18.46 -12.99 2.83
C ILE A 395 19.03 -14.13 3.68
N LEU A 396 18.75 -14.13 4.97
CA LEU A 396 19.18 -15.22 5.87
C LEU A 396 18.54 -16.54 5.45
N TYR A 397 17.25 -16.51 5.08
CA TYR A 397 16.55 -17.69 4.61
C TYR A 397 17.25 -18.34 3.40
N GLU A 398 17.70 -17.51 2.44
CA GLU A 398 18.41 -18.06 1.27
C GLU A 398 19.72 -18.73 1.71
N ALA A 399 20.45 -18.12 2.65
CA ALA A 399 21.71 -18.69 3.14
C ALA A 399 21.48 -20.01 3.85
N LEU A 400 20.38 -20.13 4.62
CA LEU A 400 20.02 -21.37 5.31
C LEU A 400 19.59 -22.47 4.34
N GLN A 401 19.06 -22.09 3.16
CA GLN A 401 18.67 -23.05 2.12
C GLN A 401 19.89 -23.69 1.44
N GLY A 402 21.03 -23.01 1.45
CA GLY A 402 22.26 -23.50 0.85
C GLY A 402 22.14 -23.74 -0.65
N ASP A 403 22.36 -25.00 -1.06
CA ASP A 403 22.28 -25.42 -2.46
C ASP A 403 20.86 -25.36 -3.02
N LYS A 404 19.84 -25.45 -2.15
CA LYS A 404 18.45 -25.33 -2.58
C LYS A 404 18.12 -23.87 -3.01
N SER A 405 18.89 -22.87 -2.54
CA SER A 405 18.66 -21.49 -2.95
C SER A 405 19.19 -21.28 -4.35
N PRO A 406 18.42 -20.59 -5.21
CA PRO A 406 18.94 -20.25 -6.53
C PRO A 406 19.89 -19.05 -6.51
N ILE A 407 20.06 -18.37 -5.36
CA ILE A 407 20.93 -17.21 -5.28
C ILE A 407 22.34 -17.63 -4.93
N PRO A 408 23.31 -17.32 -5.80
CA PRO A 408 24.71 -17.65 -5.47
C PRO A 408 25.17 -16.93 -4.21
N GLN A 409 25.73 -17.69 -3.25
CA GLN A 409 26.22 -17.10 -2.01
C GLN A 409 27.66 -16.63 -2.18
N ALA A 410 27.82 -15.45 -2.81
CA ALA A 410 29.11 -14.81 -3.09
C ALA A 410 29.94 -14.60 -1.84
N VAL A 411 29.29 -14.39 -0.70
CA VAL A 411 29.93 -14.31 0.61
C VAL A 411 29.16 -15.30 1.51
N ASP A 412 29.88 -16.13 2.27
CA ASP A 412 29.24 -17.06 3.19
C ASP A 412 28.76 -16.21 4.36
N LEU A 413 27.43 -16.07 4.53
CA LEU A 413 26.89 -15.23 5.61
C LEU A 413 27.26 -15.72 7.02
N PHE A 414 27.62 -17.00 7.14
CA PHE A 414 28.05 -17.60 8.39
C PHE A 414 29.56 -17.38 8.71
N GLY A 415 30.27 -16.68 7.83
CA GLY A 415 31.68 -16.31 7.97
C GLY A 415 32.64 -17.43 8.24
N GLY A 416 32.39 -18.61 7.69
CA GLY A 416 33.27 -19.74 7.89
C GLY A 416 32.85 -20.67 9.02
N LYS A 417 32.04 -20.16 9.95
CA LYS A 417 31.56 -20.98 11.07
C LYS A 417 30.42 -21.88 10.59
N PRO A 418 30.26 -23.10 11.10
CA PRO A 418 29.11 -23.93 10.68
C PRO A 418 27.79 -23.23 11.06
N GLN A 419 26.73 -23.43 10.27
CA GLN A 419 25.48 -22.73 10.51
C GLN A 419 24.89 -23.08 11.90
N GLN A 420 25.04 -24.34 12.37
CA GLN A 420 24.60 -24.73 13.70
C GLN A 420 25.25 -23.88 14.80
N GLU A 421 26.56 -23.60 14.68
CA GLU A 421 27.27 -22.80 15.67
C GLU A 421 26.65 -21.40 15.83
N VAL A 422 26.34 -20.74 14.70
CA VAL A 422 25.78 -19.39 14.71
C VAL A 422 24.34 -19.43 15.25
N ILE A 423 23.56 -20.44 14.85
CA ILE A 423 22.18 -20.60 15.29
C ILE A 423 22.14 -20.79 16.82
N LEU A 424 23.08 -21.61 17.35
CA LEU A 424 23.13 -21.84 18.80
C LEU A 424 23.61 -20.62 19.56
N ALA A 425 24.56 -19.85 19.00
CA ALA A 425 25.03 -18.63 19.66
C ALA A 425 23.91 -17.61 19.72
N ALA A 426 23.08 -17.53 18.66
CA ALA A 426 21.95 -16.61 18.67
C ALA A 426 20.90 -17.06 19.70
N LEU A 427 20.73 -18.37 19.89
CA LEU A 427 19.82 -18.91 20.90
C LEU A 427 20.30 -18.55 22.30
N ASP A 428 21.63 -18.57 22.52
CA ASP A 428 22.26 -18.15 23.80
C ASP A 428 21.93 -16.69 24.09
N ASP A 429 22.04 -15.83 23.07
CA ASP A 429 21.75 -14.40 23.19
C ASP A 429 20.30 -14.19 23.53
N ALA A 430 19.39 -14.88 22.82
CA ALA A 430 17.95 -14.78 23.05
C ALA A 430 17.63 -15.24 24.47
N TRP A 431 18.26 -16.34 24.92
CA TRP A 431 18.02 -16.84 26.27
C TRP A 431 18.45 -15.83 27.32
N GLN A 432 19.63 -15.24 27.16
CA GLN A 432 20.10 -14.23 28.11
C GLN A 432 19.14 -13.06 28.25
N THR A 433 18.71 -12.50 27.11
CA THR A 433 17.80 -11.36 27.06
C THR A 433 16.42 -11.69 27.61
N LEU A 434 15.83 -12.80 27.16
CA LEU A 434 14.50 -13.18 27.57
C LEU A 434 14.41 -13.68 29.02
N SER A 435 15.37 -14.50 29.46
CA SER A 435 15.35 -14.98 30.86
C SER A 435 15.58 -13.80 31.84
N LYS A 436 16.41 -12.80 31.50
CA LYS A 436 16.60 -11.63 32.37
C LYS A 436 15.28 -10.89 32.58
N ARG A 437 14.47 -10.80 31.52
CA ARG A 437 13.17 -10.14 31.51
C ARG A 437 12.04 -10.95 32.21
N TYR A 438 11.88 -12.25 31.89
CA TYR A 438 10.77 -13.05 32.37
C TYR A 438 11.09 -14.14 33.39
N GLY A 439 12.35 -14.27 33.77
CA GLY A 439 12.77 -15.38 34.62
C GLY A 439 13.11 -16.59 33.75
N ASN A 440 13.58 -17.67 34.39
CA ASN A 440 14.03 -18.85 33.64
C ASN A 440 12.99 -19.85 33.20
N ASP A 441 11.71 -19.70 33.56
CA ASP A 441 10.73 -20.71 33.17
C ASP A 441 9.91 -20.25 31.97
N VAL A 442 10.26 -20.76 30.77
CA VAL A 442 9.61 -20.39 29.52
C VAL A 442 8.12 -20.74 29.49
N THR A 443 7.68 -21.76 30.25
CA THR A 443 6.26 -22.13 30.29
C THR A 443 5.36 -21.09 30.97
N GLY A 444 5.95 -20.13 31.67
CA GLY A 444 5.17 -19.10 32.36
C GLY A 444 5.30 -17.69 31.77
N TRP A 445 6.09 -17.53 30.70
CA TRP A 445 6.32 -16.21 30.11
C TRP A 445 5.04 -15.65 29.50
N LYS A 446 4.70 -14.40 29.86
CA LYS A 446 3.54 -13.68 29.31
C LYS A 446 4.13 -12.47 28.56
N THR A 447 4.40 -12.69 27.27
CA THR A 447 5.06 -11.66 26.45
C THR A 447 4.03 -10.59 26.03
N PRO A 448 4.44 -9.33 25.80
CA PRO A 448 3.43 -8.30 25.46
C PRO A 448 2.82 -8.49 24.08
N ALA A 449 1.50 -8.30 24.01
CA ALA A 449 0.78 -8.38 22.75
C ALA A 449 1.07 -7.09 21.99
N MET A 450 1.01 -7.16 20.65
CA MET A 450 1.10 -5.95 19.85
C MET A 450 -0.33 -5.37 19.82
N ALA A 451 -0.44 -4.06 19.95
CA ALA A 451 -1.73 -3.37 19.93
C ALA A 451 -1.96 -2.68 18.54
N LEU A 452 -3.15 -2.10 18.30
CA LEU A 452 -3.45 -1.46 17.03
C LEU A 452 -4.01 -0.07 17.35
N THR A 453 -3.55 0.96 16.63
CA THR A 453 -4.01 2.32 16.87
C THR A 453 -4.52 2.96 15.59
N PHE A 454 -5.74 3.53 15.63
CA PHE A 454 -6.28 4.32 14.52
C PHE A 454 -5.74 5.74 14.82
N ARG A 455 -4.69 6.16 14.09
CA ARG A 455 -4.00 7.42 14.32
C ARG A 455 -4.77 8.66 13.87
N ALA A 456 -4.58 9.78 14.61
CA ALA A 456 -5.16 11.10 14.33
C ALA A 456 -4.38 11.85 13.24
N ASN A 457 -3.13 11.43 12.96
CA ASN A 457 -2.35 12.01 11.86
C ASN A 457 -2.43 11.04 10.72
N ASN A 458 -2.56 11.57 9.49
CA ASN A 458 -2.60 10.75 8.29
C ASN A 458 -1.19 10.16 7.99
N PHE A 459 -1.04 9.31 6.95
CA PHE A 459 0.24 8.65 6.68
C PHE A 459 1.42 9.62 6.40
N PHE A 460 1.13 10.88 6.03
CA PHE A 460 2.18 11.87 5.83
C PHE A 460 2.72 12.44 7.15
N GLY A 461 2.08 12.16 8.29
CA GLY A 461 2.44 12.76 9.57
C GLY A 461 1.76 14.10 9.79
N VAL A 462 0.62 14.35 9.07
CA VAL A 462 -0.14 15.60 9.12
C VAL A 462 -1.48 15.33 9.82
N PRO A 463 -1.87 16.20 10.75
CA PRO A 463 -3.14 15.98 11.46
C PRO A 463 -4.33 15.97 10.51
N GLN A 464 -5.16 14.96 10.62
CA GLN A 464 -6.45 14.87 9.92
C GLN A 464 -7.62 14.76 10.92
N ALA A 465 -7.33 14.98 12.21
CA ALA A 465 -8.22 14.94 13.36
C ALA A 465 -7.43 15.53 14.53
N ALA A 466 -8.12 15.88 15.63
CA ALA A 466 -7.44 16.35 16.82
C ALA A 466 -6.74 15.11 17.44
N ALA A 467 -5.63 15.33 18.17
CA ALA A 467 -4.87 14.25 18.81
C ALA A 467 -5.71 13.34 19.70
N LYS A 468 -6.72 13.88 20.43
CA LYS A 468 -7.60 13.08 21.28
C LYS A 468 -8.51 12.11 20.50
N GLU A 469 -8.57 12.23 19.14
CA GLU A 469 -9.38 11.35 18.32
C GLU A 469 -8.72 10.02 18.00
N ALA A 470 -7.46 9.79 18.40
CA ALA A 470 -6.82 8.48 18.20
C ALA A 470 -7.67 7.37 18.87
N ARG A 471 -7.88 6.27 18.17
CA ARG A 471 -8.65 5.17 18.73
C ARG A 471 -7.76 3.93 18.93
N HIS A 472 -8.07 3.13 19.94
CA HIS A 472 -7.22 2.00 20.32
C HIS A 472 -7.93 0.66 20.29
N GLN A 473 -7.20 -0.35 19.84
CA GLN A 473 -7.70 -1.71 19.73
C GLN A 473 -6.62 -2.59 20.40
N ALA A 474 -7.00 -3.42 21.37
CA ALA A 474 -6.03 -4.22 22.13
C ALA A 474 -5.22 -5.18 21.27
N GLU A 475 -5.87 -5.82 20.32
CA GLU A 475 -5.24 -6.82 19.48
C GLU A 475 -4.82 -6.30 18.12
N TYR A 476 -3.49 -6.26 17.89
CA TYR A 476 -3.00 -5.97 16.55
C TYR A 476 -3.43 -7.11 15.62
N GLN A 477 -3.87 -6.78 14.41
CA GLN A 477 -4.27 -7.78 13.45
C GLN A 477 -3.57 -7.46 12.14
N ASN A 478 -2.83 -8.44 11.59
CA ASN A 478 -2.10 -8.22 10.34
C ASN A 478 -3.09 -8.37 9.19
N ARG A 479 -3.87 -7.32 8.95
CA ARG A 479 -4.96 -7.40 7.99
C ARG A 479 -5.20 -6.05 7.33
N GLY A 480 -6.11 -6.05 6.37
CA GLY A 480 -6.48 -4.82 5.70
C GLY A 480 -7.02 -3.75 6.62
N THR A 481 -6.67 -2.49 6.32
CA THR A 481 -7.22 -1.28 6.93
C THR A 481 -8.77 -1.33 6.84
N GLU A 482 -9.26 -1.87 5.73
CA GLU A 482 -10.63 -2.26 5.48
C GLU A 482 -10.56 -3.69 4.95
N ASN A 483 -11.67 -4.43 5.08
CA ASN A 483 -11.78 -5.72 4.45
C ASN A 483 -13.12 -5.70 3.77
N ASN A 484 -13.18 -6.25 2.57
CA ASN A 484 -14.42 -6.34 1.82
C ASN A 484 -14.53 -7.66 1.10
N MET A 485 -15.76 -8.12 0.89
CA MET A 485 -16.00 -9.37 0.21
C MET A 485 -17.16 -9.25 -0.74
N ILE A 486 -17.03 -9.85 -1.92
CA ILE A 486 -18.10 -9.92 -2.90
C ILE A 486 -18.33 -11.39 -3.19
N VAL A 487 -19.60 -11.82 -3.19
CA VAL A 487 -19.96 -13.20 -3.49
C VAL A 487 -20.90 -13.20 -4.67
N PHE A 488 -20.48 -13.83 -5.76
CA PHE A 488 -21.26 -13.87 -6.98
C PHE A 488 -22.05 -15.15 -7.08
N SER A 489 -23.29 -15.02 -7.52
CA SER A 489 -24.25 -16.10 -7.70
C SER A 489 -24.33 -17.04 -6.52
N PRO A 490 -24.67 -16.53 -5.32
CA PRO A 490 -24.82 -17.43 -4.16
C PRO A 490 -26.03 -18.35 -4.42
N THR A 491 -25.93 -19.62 -3.98
CA THR A 491 -27.06 -20.55 -4.16
C THR A 491 -28.19 -20.24 -3.17
N SER A 492 -27.89 -19.61 -2.03
CA SER A 492 -28.90 -19.24 -1.06
C SER A 492 -29.40 -17.82 -1.35
N GLY A 493 -30.70 -17.59 -1.17
CA GLY A 493 -31.30 -16.29 -1.36
C GLY A 493 -31.69 -15.98 -2.80
N ASN A 494 -32.30 -14.80 -3.02
CA ASN A 494 -32.76 -14.43 -4.36
C ASN A 494 -31.92 -13.34 -5.05
N ARG A 495 -30.78 -12.96 -4.46
CA ARG A 495 -29.92 -11.94 -5.04
C ARG A 495 -28.77 -12.57 -5.81
N PRO A 496 -28.46 -12.05 -7.02
CA PRO A 496 -27.35 -12.62 -7.80
C PRO A 496 -25.96 -12.24 -7.28
N VAL A 497 -25.88 -11.30 -6.35
CA VAL A 497 -24.59 -10.85 -5.81
C VAL A 497 -24.81 -10.37 -4.41
N LEU A 498 -23.88 -10.72 -3.50
CA LEU A 498 -23.92 -10.24 -2.13
C LEU A 498 -22.57 -9.60 -1.84
N ALA A 499 -22.55 -8.54 -1.04
CA ALA A 499 -21.28 -7.88 -0.72
C ALA A 499 -21.29 -7.34 0.68
N TRP A 500 -20.11 -7.27 1.29
CA TRP A 500 -19.94 -6.76 2.64
C TRP A 500 -18.62 -6.01 2.75
N ASP A 501 -18.50 -5.14 3.74
CA ASP A 501 -17.25 -4.46 4.04
C ASP A 501 -17.27 -3.94 5.48
N VAL A 502 -16.14 -3.35 5.91
CA VAL A 502 -16.07 -2.73 7.22
C VAL A 502 -15.14 -1.53 7.03
N VAL A 503 -15.67 -0.35 7.32
CA VAL A 503 -15.00 0.94 7.17
C VAL A 503 -14.94 1.55 8.55
N ALA A 504 -13.86 1.27 9.28
CA ALA A 504 -13.70 1.71 10.65
C ALA A 504 -12.73 2.87 10.76
N PRO A 505 -12.97 3.83 11.68
CA PRO A 505 -14.00 3.82 12.74
C PRO A 505 -15.45 3.94 12.28
N GLY A 506 -15.67 4.67 11.20
CA GLY A 506 -17.02 4.84 10.68
C GLY A 506 -17.06 5.54 9.36
N GLN A 507 -18.26 5.66 8.81
CA GLN A 507 -18.46 6.36 7.55
C GLN A 507 -18.17 7.84 7.68
N SER A 508 -18.55 8.44 8.82
CA SER A 508 -18.39 9.85 9.04
C SER A 508 -17.25 10.22 9.97
N GLY A 509 -16.56 11.31 9.65
CA GLY A 509 -15.53 11.86 10.52
C GLY A 509 -15.99 13.15 11.19
N PHE A 510 -17.29 13.49 11.04
CA PHE A 510 -17.82 14.74 11.50
C PHE A 510 -17.98 14.88 13.00
N ILE A 511 -17.42 15.97 13.52
CA ILE A 511 -17.58 16.39 14.89
C ILE A 511 -18.11 17.81 14.79
N ALA A 512 -19.33 18.00 15.29
CA ALA A 512 -20.00 19.30 15.28
C ALA A 512 -19.26 20.38 16.09
N PRO A 513 -19.53 21.68 15.85
CA PRO A 513 -18.86 22.74 16.61
C PRO A 513 -18.92 22.58 18.14
N ASP A 514 -20.02 22.01 18.67
CA ASP A 514 -20.14 21.82 20.11
C ASP A 514 -19.51 20.50 20.64
N GLY A 515 -18.81 19.77 19.78
CA GLY A 515 -18.15 18.53 20.17
C GLY A 515 -18.94 17.27 19.90
N LYS A 516 -20.22 17.40 19.50
CA LYS A 516 -21.03 16.20 19.25
C LYS A 516 -20.56 15.45 18.00
N ALA A 517 -20.14 14.19 18.20
CA ALA A 517 -19.72 13.37 17.08
C ALA A 517 -20.95 12.87 16.34
N ASP A 518 -20.83 12.70 15.02
CA ASP A 518 -21.89 12.12 14.19
C ASP A 518 -22.20 10.68 14.67
N LYS A 519 -23.43 10.21 14.47
CA LYS A 519 -23.78 8.84 14.89
C LYS A 519 -22.97 7.80 14.11
N HIS A 520 -22.45 8.14 12.91
CA HIS A 520 -21.63 7.20 12.16
C HIS A 520 -20.10 7.48 12.26
N TYR A 521 -19.71 8.17 13.32
CA TYR A 521 -18.32 8.54 13.57
C TYR A 521 -17.48 7.32 13.95
N ASP A 522 -18.04 6.43 14.79
CA ASP A 522 -17.27 5.27 15.27
C ASP A 522 -18.08 3.98 15.46
N ASP A 523 -19.19 3.86 14.74
CA ASP A 523 -20.12 2.73 14.85
C ASP A 523 -19.64 1.45 14.12
N GLN A 524 -18.43 1.48 13.53
CA GLN A 524 -17.85 0.29 12.92
C GLN A 524 -16.56 -0.20 13.63
N LEU A 525 -16.18 0.43 14.74
CA LEU A 525 -14.96 0.10 15.47
C LEU A 525 -15.05 -1.31 16.11
N LYS A 526 -16.19 -1.64 16.76
CA LYS A 526 -16.37 -2.96 17.39
C LYS A 526 -16.47 -4.06 16.36
N MET A 527 -17.17 -3.77 15.25
CA MET A 527 -17.30 -4.68 14.13
C MET A 527 -15.92 -4.97 13.52
N TYR A 528 -15.05 -3.95 13.42
CA TYR A 528 -13.70 -4.18 12.91
C TYR A 528 -12.93 -5.18 13.83
N GLU A 529 -12.89 -4.89 15.12
CA GLU A 529 -12.14 -5.69 16.10
C GLU A 529 -12.57 -7.16 16.13
N SER A 530 -13.87 -7.42 15.98
CA SER A 530 -14.40 -8.77 16.06
C SER A 530 -14.48 -9.52 14.75
N PHE A 531 -13.84 -9.01 13.68
CA PHE A 531 -13.92 -9.63 12.36
C PHE A 531 -15.34 -9.64 11.80
N GLY A 532 -16.16 -8.69 12.25
CA GLY A 532 -17.51 -8.54 11.72
C GLY A 532 -17.49 -7.79 10.40
N ARG A 533 -18.69 -7.61 9.83
CA ARG A 533 -18.84 -6.90 8.56
C ARG A 533 -20.29 -6.45 8.41
N LYS A 534 -20.51 -5.47 7.55
CA LYS A 534 -21.85 -4.92 7.31
C LYS A 534 -22.18 -5.15 5.83
N SER A 535 -23.46 -5.31 5.51
CA SER A 535 -23.88 -5.52 4.13
C SER A 535 -23.71 -4.25 3.30
N LEU A 536 -23.29 -4.44 2.05
CA LEU A 536 -23.17 -3.39 1.04
C LEU A 536 -24.30 -3.63 0.06
N TRP A 537 -25.16 -2.64 -0.11
CA TRP A 537 -26.29 -2.77 -1.03
C TRP A 537 -26.03 -2.11 -2.39
N LEU A 538 -26.65 -2.64 -3.44
CA LEU A 538 -26.46 -2.12 -4.80
C LEU A 538 -27.80 -1.68 -5.43
N THR A 539 -28.79 -2.60 -5.51
CA THR A 539 -30.06 -2.29 -6.18
C THR A 539 -30.84 -1.19 -5.55
N PRO A 540 -31.68 -0.48 -6.32
CA PRO A 540 -32.51 0.58 -5.72
C PRO A 540 -33.40 0.05 -4.61
N GLN A 541 -33.90 -1.20 -4.75
CA GLN A 541 -34.76 -1.78 -3.72
C GLN A 541 -34.01 -2.08 -2.45
N ASP A 542 -32.82 -2.70 -2.54
CA ASP A 542 -32.03 -3.00 -1.34
C ASP A 542 -31.58 -1.73 -0.66
N VAL A 543 -31.15 -0.71 -1.44
CA VAL A 543 -30.75 0.56 -0.84
C VAL A 543 -31.95 1.22 -0.13
N ASP A 544 -33.11 1.25 -0.80
CA ASP A 544 -34.30 1.86 -0.22
C ASP A 544 -34.74 1.15 1.06
N GLU A 545 -34.73 -0.19 1.05
CA GLU A 545 -35.17 -0.96 2.23
C GLU A 545 -34.23 -0.87 3.43
N HIS A 546 -32.96 -0.43 3.21
CA HIS A 546 -32.02 -0.27 4.31
C HIS A 546 -31.61 1.20 4.52
N LYS A 547 -32.42 2.15 4.06
CA LYS A 547 -32.08 3.56 4.22
C LYS A 547 -32.37 4.15 5.59
N GLU A 548 -31.58 5.14 5.98
CA GLU A 548 -31.83 5.95 7.18
C GLU A 548 -32.35 7.34 6.74
N SER A 549 -32.01 7.80 5.51
CA SER A 549 -32.39 9.11 5.03
C SER A 549 -32.41 9.16 3.49
N GLN A 550 -33.12 10.13 2.97
CA GLN A 550 -33.28 10.37 1.55
C GLN A 550 -33.48 11.88 1.40
N GLU A 551 -32.87 12.46 0.37
CA GLU A 551 -32.98 13.89 0.16
C GLU A 551 -32.70 14.24 -1.29
N VAL A 552 -33.08 15.44 -1.68
CA VAL A 552 -32.74 15.94 -2.99
C VAL A 552 -31.70 17.05 -2.78
N LEU A 553 -30.85 17.21 -3.76
CA LEU A 553 -29.83 18.22 -3.75
C LEU A 553 -29.94 19.03 -5.04
N GLN A 554 -30.11 20.33 -4.92
CA GLN A 554 -30.17 21.22 -6.08
C GLN A 554 -28.76 21.64 -6.49
N VAL A 555 -28.38 21.33 -7.73
CA VAL A 555 -27.08 21.60 -8.35
C VAL A 555 -26.94 23.08 -8.61
N GLN A 556 -25.89 23.73 -8.10
CA GLN A 556 -25.72 25.17 -8.25
C GLN A 556 -25.63 25.67 -9.69
N LEU A 557 -25.06 24.89 -10.61
CA LEU A 557 -24.86 25.31 -11.99
C LEU A 557 -26.14 25.58 -12.78
N ASP A 558 -27.17 24.75 -12.58
CA ASP A 558 -28.38 24.85 -13.40
C ASP A 558 -29.69 24.57 -12.68
N GLN A 559 -29.64 24.44 -11.34
CA GLN A 559 -30.81 24.19 -10.50
C GLN A 559 -31.50 22.83 -10.74
N THR A 560 -30.84 21.89 -11.48
CA THR A 560 -31.34 20.52 -11.61
C THR A 560 -31.14 19.82 -10.22
N GLU A 561 -31.62 18.58 -10.06
CA GLU A 561 -31.54 17.91 -8.77
C GLU A 561 -30.94 16.54 -8.88
N VAL A 562 -30.24 16.13 -7.82
CA VAL A 562 -29.76 14.76 -7.71
C VAL A 562 -30.38 14.21 -6.41
N LYS A 563 -30.48 12.90 -6.31
CA LYS A 563 -31.05 12.28 -5.12
C LYS A 563 -29.91 11.60 -4.37
N ILE A 564 -29.92 11.73 -3.05
CA ILE A 564 -28.94 11.07 -2.21
C ILE A 564 -29.70 10.25 -1.16
N VAL A 565 -29.39 8.97 -1.09
CA VAL A 565 -29.96 8.08 -0.08
C VAL A 565 -28.81 7.56 0.79
N ARG A 566 -28.92 7.66 2.10
CA ARG A 566 -27.89 7.11 2.99
C ARG A 566 -28.42 5.85 3.67
N ASP A 567 -27.61 4.79 3.72
CA ASP A 567 -28.00 3.55 4.36
C ASP A 567 -27.87 3.62 5.92
N GLU A 568 -28.19 2.52 6.63
CA GLU A 568 -28.17 2.48 8.11
C GLU A 568 -26.77 2.67 8.73
N TYR A 569 -25.71 2.60 7.93
CA TYR A 569 -24.35 2.93 8.39
C TYR A 569 -23.88 4.33 7.92
N GLY A 570 -24.81 5.12 7.35
CA GLY A 570 -24.53 6.44 6.84
C GLY A 570 -23.90 6.43 5.46
N MET A 571 -23.75 5.28 4.80
CA MET A 571 -23.13 5.22 3.48
C MET A 571 -24.02 5.84 2.40
N PRO A 572 -23.50 6.84 1.67
CA PRO A 572 -24.32 7.55 0.67
C PRO A 572 -24.39 6.84 -0.66
N HIS A 573 -25.54 7.00 -1.34
CA HIS A 573 -25.79 6.45 -2.65
C HIS A 573 -26.33 7.62 -3.47
N ILE A 574 -25.68 7.89 -4.61
CA ILE A 574 -26.00 9.04 -5.48
C ILE A 574 -26.75 8.58 -6.70
N TYR A 575 -27.87 9.26 -7.00
CA TYR A 575 -28.69 8.95 -8.17
C TYR A 575 -28.71 10.19 -9.07
N ALA A 576 -28.17 10.05 -10.26
CA ALA A 576 -28.09 11.15 -11.22
C ALA A 576 -28.14 10.62 -12.66
N ASP A 577 -28.40 11.47 -13.66
CA ASP A 577 -28.51 11.04 -15.06
C ASP A 577 -27.29 11.28 -15.90
N ASP A 578 -26.30 12.01 -15.38
CA ASP A 578 -25.08 12.29 -16.16
C ASP A 578 -23.86 12.39 -15.28
N THR A 579 -22.68 12.30 -15.90
CA THR A 579 -21.40 12.28 -15.20
C THR A 579 -21.20 13.48 -14.29
N TYR A 580 -21.40 14.71 -14.82
CA TYR A 580 -21.23 15.90 -13.99
C TYR A 580 -22.06 15.86 -12.68
N ARG A 581 -23.35 15.52 -12.80
CA ARG A 581 -24.22 15.54 -11.65
C ARG A 581 -23.98 14.36 -10.69
N LEU A 582 -23.56 13.23 -11.22
CA LEU A 582 -23.26 12.05 -10.41
C LEU A 582 -22.05 12.36 -9.53
N PHE A 583 -21.01 12.97 -10.12
CA PHE A 583 -19.80 13.28 -9.34
C PHE A 583 -20.01 14.51 -8.46
N TYR A 584 -21.00 15.39 -8.79
CA TYR A 584 -21.37 16.51 -7.92
C TYR A 584 -21.95 15.92 -6.63
N GLY A 585 -22.82 14.91 -6.75
CA GLY A 585 -23.41 14.28 -5.57
C GLY A 585 -22.33 13.67 -4.69
N TYR A 586 -21.39 12.99 -5.31
CA TYR A 586 -20.25 12.34 -4.64
C TYR A 586 -19.42 13.38 -3.86
N GLY A 587 -19.03 14.47 -4.53
CA GLY A 587 -18.28 15.53 -3.87
C GLY A 587 -19.01 16.11 -2.69
N TYR A 588 -20.34 16.28 -2.83
CA TYR A 588 -21.14 16.87 -1.78
C TYR A 588 -21.16 15.99 -0.53
N VAL A 589 -21.40 14.68 -0.69
CA VAL A 589 -21.48 13.79 0.49
C VAL A 589 -20.11 13.62 1.16
N VAL A 590 -19.03 13.72 0.37
CA VAL A 590 -17.66 13.66 0.89
C VAL A 590 -17.43 14.89 1.77
N ALA A 591 -17.83 16.07 1.29
CA ALA A 591 -17.69 17.30 2.09
C ALA A 591 -18.51 17.23 3.40
N GLN A 592 -19.69 16.56 3.37
CA GLN A 592 -20.48 16.43 4.60
C GLN A 592 -19.79 15.50 5.61
N ASP A 593 -19.27 14.38 5.13
CA ASP A 593 -18.71 13.33 5.97
C ASP A 593 -17.26 13.54 6.40
N ARG A 594 -16.39 14.04 5.50
CA ARG A 594 -14.94 14.01 5.74
C ARG A 594 -14.24 15.33 5.38
N LEU A 595 -14.92 16.47 5.56
CA LEU A 595 -14.34 17.75 5.13
C LEU A 595 -12.95 18.06 5.72
N PHE A 596 -12.77 17.92 7.06
CA PHE A 596 -11.46 18.21 7.65
C PHE A 596 -10.40 17.25 7.16
N GLN A 597 -10.70 15.94 7.12
CA GLN A 597 -9.77 14.95 6.61
C GLN A 597 -9.33 15.27 5.16
N MET A 598 -10.30 15.65 4.31
CA MET A 598 -10.05 15.92 2.90
C MET A 598 -9.28 17.20 2.70
N GLU A 599 -9.59 18.24 3.49
CA GLU A 599 -8.87 19.52 3.42
C GLU A 599 -7.38 19.27 3.82
N MET A 600 -7.18 18.42 4.84
CA MET A 600 -5.81 18.12 5.27
C MET A 600 -5.08 17.24 4.29
N ALA A 601 -5.79 16.35 3.59
CA ALA A 601 -5.20 15.53 2.53
C ALA A 601 -4.83 16.42 1.34
N ARG A 602 -5.67 17.43 1.04
CA ARG A 602 -5.43 18.38 -0.05
C ARG A 602 -4.12 19.14 0.27
N ARG A 603 -4.00 19.67 1.48
CA ARG A 603 -2.79 20.39 1.89
C ARG A 603 -1.57 19.47 1.93
N SER A 604 -1.74 18.22 2.36
CA SER A 604 -0.66 17.24 2.40
C SER A 604 -0.12 16.95 0.98
N THR A 605 -1.00 16.72 0.01
CA THR A 605 -0.62 16.37 -1.35
C THR A 605 -0.06 17.55 -2.16
N GLN A 606 -0.30 18.78 -1.71
CA GLN A 606 0.23 19.95 -2.40
C GLN A 606 1.35 20.67 -1.61
N GLY A 607 1.64 20.20 -0.39
CA GLY A 607 2.66 20.83 0.43
C GLY A 607 2.27 22.22 0.88
N THR A 608 1.02 22.40 1.34
CA THR A 608 0.51 23.66 1.86
C THR A 608 0.05 23.54 3.33
N VAL A 609 0.64 22.60 4.08
CA VAL A 609 0.30 22.41 5.48
C VAL A 609 0.78 23.57 6.37
N SER A 610 2.05 24.04 6.19
CA SER A 610 2.59 25.10 7.06
C SER A 610 1.80 26.36 7.04
N GLU A 611 1.14 26.66 5.90
CA GLU A 611 0.29 27.84 5.72
C GLU A 611 -0.72 27.96 6.86
N VAL A 612 -1.20 26.82 7.40
CA VAL A 612 -2.18 26.85 8.49
C VAL A 612 -1.66 26.24 9.79
N LEU A 613 -0.70 25.30 9.74
CA LEU A 613 -0.23 24.64 10.96
C LEU A 613 1.13 25.12 11.49
N GLY A 614 1.85 25.91 10.69
CA GLY A 614 3.11 26.48 11.15
C GLY A 614 4.40 25.79 10.76
N LYS A 615 5.50 26.24 11.39
CA LYS A 615 6.86 25.81 11.09
C LYS A 615 7.14 24.32 11.15
N ALA A 616 6.33 23.56 11.92
CA ALA A 616 6.54 22.11 12.01
C ALA A 616 6.47 21.38 10.67
N PHE A 617 5.76 21.94 9.65
CA PHE A 617 5.59 21.21 8.40
C PHE A 617 6.35 21.80 7.21
N VAL A 618 7.34 22.67 7.46
CA VAL A 618 8.02 23.34 6.34
C VAL A 618 8.82 22.39 5.46
N LYS A 619 9.68 21.56 6.05
CA LYS A 619 10.47 20.66 5.24
C LYS A 619 9.59 19.58 4.60
N PHE A 620 8.48 19.18 5.27
CA PHE A 620 7.47 18.28 4.70
C PHE A 620 6.91 18.94 3.40
N ASP A 621 6.46 20.20 3.49
CA ASP A 621 5.85 20.94 2.38
C ASP A 621 6.84 21.10 1.23
N LYS A 622 8.11 21.43 1.56
CA LYS A 622 9.15 21.55 0.53
C LYS A 622 9.36 20.22 -0.18
N ASP A 623 9.46 19.11 0.57
CA ASP A 623 9.68 17.80 -0.03
CA ASP A 623 9.67 17.77 0.00
C ASP A 623 8.50 17.41 -0.96
N ILE A 624 7.27 17.75 -0.56
CA ILE A 624 6.11 17.44 -1.42
C ILE A 624 6.24 18.21 -2.78
N ARG A 625 6.49 19.53 -2.71
CA ARG A 625 6.61 20.35 -3.91
C ARG A 625 7.75 19.93 -4.80
N GLN A 626 8.89 19.50 -4.22
CA GLN A 626 10.01 19.03 -5.04
C GLN A 626 9.72 17.78 -5.80
N ASN A 627 8.74 16.97 -5.33
CA ASN A 627 8.48 15.65 -5.89
C ASN A 627 7.39 15.60 -6.97
N TYR A 628 6.89 16.77 -7.43
CA TYR A 628 5.94 16.79 -8.53
C TYR A 628 6.06 18.07 -9.35
N TRP A 629 5.37 18.13 -10.50
CA TRP A 629 5.44 19.27 -11.40
C TRP A 629 4.01 19.67 -11.73
N PRO A 630 3.45 20.65 -11.01
CA PRO A 630 2.03 21.00 -11.19
C PRO A 630 1.61 21.29 -12.62
N ASP A 631 2.48 21.93 -13.43
CA ASP A 631 2.13 22.20 -14.83
C ASP A 631 1.81 20.94 -15.61
N SER A 632 2.45 19.80 -15.26
CA SER A 632 2.17 18.53 -15.94
C SER A 632 0.72 18.07 -15.61
N ILE A 633 0.35 18.12 -14.33
CA ILE A 633 -0.99 17.73 -13.90
C ILE A 633 -2.04 18.67 -14.53
N ARG A 634 -1.80 19.98 -14.49
CA ARG A 634 -2.73 20.94 -15.09
C ARG A 634 -2.89 20.71 -16.60
N ALA A 635 -1.78 20.39 -17.31
CA ALA A 635 -1.85 20.14 -18.75
C ALA A 635 -2.65 18.87 -19.06
N GLN A 636 -2.50 17.84 -18.22
CA GLN A 636 -3.24 16.60 -18.40
C GLN A 636 -4.74 16.86 -18.22
N ILE A 637 -5.13 17.70 -17.25
CA ILE A 637 -6.53 18.02 -17.01
C ILE A 637 -7.09 18.84 -18.18
N ALA A 638 -6.32 19.84 -18.62
CA ALA A 638 -6.73 20.74 -19.72
C ALA A 638 -7.01 19.99 -21.01
N SER A 639 -6.30 18.88 -21.26
CA SER A 639 -6.49 18.15 -22.50
C SER A 639 -7.60 17.08 -22.45
N LEU A 640 -8.26 16.90 -21.30
CA LEU A 640 -9.30 15.89 -21.18
C LEU A 640 -10.51 16.24 -22.05
N SER A 641 -11.28 15.21 -22.42
CA SER A 641 -12.57 15.40 -23.08
C SER A 641 -13.51 16.09 -22.08
N ALA A 642 -14.63 16.70 -22.56
CA ALA A 642 -15.59 17.33 -21.66
C ALA A 642 -16.14 16.29 -20.67
N GLU A 643 -16.37 15.06 -21.12
CA GLU A 643 -16.90 14.00 -20.28
C GLU A 643 -15.95 13.62 -19.15
N ASP A 644 -14.66 13.40 -19.47
CA ASP A 644 -13.67 13.11 -18.43
C ASP A 644 -13.48 14.29 -17.48
N LYS A 645 -13.44 15.52 -18.01
CA LYS A 645 -13.30 16.70 -17.16
C LYS A 645 -14.47 16.84 -16.19
N SER A 646 -15.70 16.43 -16.64
CA SER A 646 -16.90 16.56 -15.83
C SER A 646 -16.81 15.75 -14.54
N ILE A 647 -16.05 14.64 -14.52
CA ILE A 647 -15.85 13.86 -13.28
C ILE A 647 -15.16 14.73 -12.23
N LEU A 648 -14.02 15.35 -12.60
CA LEU A 648 -13.29 16.19 -11.65
C LEU A 648 -14.01 17.47 -11.33
N GLN A 649 -14.59 18.15 -12.36
CA GLN A 649 -15.27 19.41 -12.11
C GLN A 649 -16.53 19.19 -11.25
N GLY A 650 -17.28 18.12 -11.54
CA GLY A 650 -18.49 17.80 -10.79
C GLY A 650 -18.16 17.53 -9.33
N TYR A 651 -17.12 16.74 -9.10
CA TYR A 651 -16.69 16.41 -7.74
C TYR A 651 -16.31 17.66 -6.96
N ALA A 652 -15.42 18.52 -7.51
CA ALA A 652 -15.04 19.75 -6.84
C ALA A 652 -16.22 20.67 -6.61
N ASP A 653 -17.12 20.83 -7.62
CA ASP A 653 -18.30 21.71 -7.46
C ASP A 653 -19.25 21.21 -6.37
N GLY A 654 -19.37 19.88 -6.24
CA GLY A 654 -20.18 19.26 -5.21
C GLY A 654 -19.64 19.55 -3.83
N MET A 655 -18.30 19.45 -3.64
CA MET A 655 -17.69 19.79 -2.35
C MET A 655 -17.96 21.26 -2.02
N ASN A 656 -17.82 22.11 -3.04
CA ASN A 656 -18.03 23.54 -2.91
C ASN A 656 -19.41 23.88 -2.47
N ALA A 657 -20.42 23.16 -2.96
CA ALA A 657 -21.82 23.42 -2.57
C ALA A 657 -21.99 23.25 -1.05
N TRP A 658 -21.40 22.19 -0.48
CA TRP A 658 -21.49 21.99 0.97
C TRP A 658 -20.60 22.97 1.73
N ILE A 659 -19.37 23.26 1.22
CA ILE A 659 -18.49 24.24 1.85
C ILE A 659 -19.18 25.61 1.96
N ASP A 660 -19.99 25.97 0.95
CA ASP A 660 -20.78 27.20 1.00
C ASP A 660 -21.78 27.18 2.14
N LYS A 661 -22.46 26.07 2.36
CA LYS A 661 -23.38 25.93 3.49
C LYS A 661 -22.64 26.00 4.82
N VAL A 662 -21.48 25.32 4.89
CA VAL A 662 -20.66 25.35 6.11
C VAL A 662 -20.25 26.80 6.45
N ASN A 663 -19.72 27.52 5.46
CA ASN A 663 -19.24 28.88 5.70
C ASN A 663 -20.37 29.89 5.97
N ALA A 664 -21.63 29.58 5.57
CA ALA A 664 -22.75 30.48 5.88
C ALA A 664 -23.29 30.23 7.30
N SER A 665 -23.15 28.97 7.84
CA SER A 665 -23.60 28.66 9.20
C SER A 665 -22.50 27.90 9.98
N PRO A 666 -21.32 28.52 10.22
CA PRO A 666 -20.23 27.78 10.87
C PRO A 666 -20.53 27.39 12.31
N ASP A 667 -21.38 28.17 13.02
CA ASP A 667 -21.74 27.82 14.39
C ASP A 667 -22.49 26.49 14.49
N LYS A 668 -23.05 26.00 13.38
CA LYS A 668 -23.74 24.73 13.37
C LYS A 668 -23.05 23.66 12.53
N LEU A 669 -22.40 24.05 11.42
CA LEU A 669 -21.87 23.08 10.47
C LEU A 669 -20.37 22.95 10.35
N LEU A 670 -19.58 23.89 10.88
CA LEU A 670 -18.13 23.83 10.70
C LEU A 670 -17.54 22.72 11.54
N PRO A 671 -16.90 21.71 10.92
CA PRO A 671 -16.26 20.64 11.74
C PRO A 671 -15.33 21.23 12.80
N GLN A 672 -15.45 20.73 14.04
CA GLN A 672 -14.72 21.28 15.18
C GLN A 672 -13.23 21.45 14.95
N GLN A 673 -12.61 20.57 14.16
CA GLN A 673 -11.17 20.64 13.91
C GLN A 673 -10.76 21.95 13.22
N PHE A 674 -11.64 22.55 12.41
CA PHE A 674 -11.32 23.84 11.78
C PHE A 674 -11.17 24.92 12.86
N SER A 675 -12.03 24.88 13.89
CA SER A 675 -11.92 25.82 15.01
C SER A 675 -10.66 25.53 15.83
N THR A 676 -10.40 24.25 16.13
CA THR A 676 -9.22 23.84 16.89
C THR A 676 -7.90 24.27 16.19
N PHE A 677 -7.80 24.08 14.87
CA PHE A 677 -6.59 24.44 14.13
C PHE A 677 -6.58 25.89 13.58
N GLY A 678 -7.69 26.63 13.75
CA GLY A 678 -7.79 28.04 13.45
C GLY A 678 -7.88 28.51 12.01
N PHE A 679 -8.59 27.78 11.14
CA PHE A 679 -8.76 28.20 9.75
C PHE A 679 -10.11 27.74 9.19
N LYS A 680 -10.45 28.19 7.97
CA LYS A 680 -11.71 27.85 7.33
C LYS A 680 -11.51 27.11 6.02
N PRO A 681 -12.46 26.24 5.64
CA PRO A 681 -12.35 25.56 4.35
C PRO A 681 -12.60 26.53 3.19
N LYS A 682 -11.92 26.32 2.07
CA LYS A 682 -12.09 27.12 0.85
C LYS A 682 -12.42 26.19 -0.29
N HIS A 683 -12.87 26.77 -1.41
CA HIS A 683 -13.24 26.01 -2.57
C HIS A 683 -12.16 25.13 -3.18
N TRP A 684 -12.61 24.06 -3.81
CA TRP A 684 -11.83 23.07 -4.52
C TRP A 684 -11.96 23.27 -6.02
N GLU A 685 -10.94 22.86 -6.74
CA GLU A 685 -10.96 22.90 -8.21
C GLU A 685 -10.57 21.50 -8.72
N PRO A 686 -10.76 21.19 -10.01
CA PRO A 686 -10.36 19.87 -10.52
C PRO A 686 -8.92 19.46 -10.19
N PHE A 687 -7.97 20.43 -10.20
CA PHE A 687 -6.56 20.18 -9.87
C PHE A 687 -6.45 19.56 -8.44
N ASP A 688 -7.19 20.11 -7.48
CA ASP A 688 -7.20 19.62 -6.09
C ASP A 688 -7.67 18.16 -6.03
N VAL A 689 -8.73 17.83 -6.77
CA VAL A 689 -9.25 16.47 -6.77
C VAL A 689 -8.23 15.52 -7.39
N ALA A 690 -7.59 15.93 -8.51
CA ALA A 690 -6.58 15.09 -9.13
C ALA A 690 -5.38 14.88 -8.19
N MET A 691 -4.98 15.93 -7.47
CA MET A 691 -3.83 15.86 -6.57
C MET A 691 -4.06 14.98 -5.34
N ILE A 692 -5.32 14.75 -4.91
CA ILE A 692 -5.58 13.77 -3.81
C ILE A 692 -5.12 12.38 -4.30
N PHE A 693 -5.49 12.04 -5.55
CA PHE A 693 -5.11 10.77 -6.14
C PHE A 693 -3.59 10.73 -6.43
N VAL A 694 -3.04 11.78 -7.09
CA VAL A 694 -1.59 11.80 -7.36
C VAL A 694 -0.76 11.69 -6.07
N GLY A 695 -1.07 12.51 -5.09
CA GLY A 695 -0.31 12.54 -3.84
C GLY A 695 -0.44 11.36 -2.91
N THR A 696 -1.58 10.63 -2.96
CA THR A 696 -1.82 9.49 -2.05
C THR A 696 -1.78 8.11 -2.71
N MET A 697 -1.79 8.02 -4.06
CA MET A 697 -1.71 6.76 -4.79
C MET A 697 -0.42 6.67 -5.56
N ALA A 698 -0.19 7.62 -6.50
CA ALA A 698 1.00 7.58 -7.32
C ALA A 698 2.26 7.74 -6.45
N ASN A 699 2.25 8.67 -5.49
CA ASN A 699 3.42 8.89 -4.63
C ASN A 699 3.56 7.94 -3.47
N ARG A 700 2.53 7.17 -3.15
CA ARG A 700 2.61 6.27 -2.02
C ARG A 700 2.97 4.88 -2.46
N PHE A 701 2.38 4.41 -3.56
CA PHE A 701 2.63 3.05 -4.01
C PHE A 701 3.35 2.93 -5.31
N SER A 702 3.64 4.05 -6.01
CA SER A 702 4.29 3.90 -7.31
C SER A 702 5.51 4.80 -7.50
N ASP A 703 6.10 5.30 -6.41
CA ASP A 703 7.22 6.23 -6.53
C ASP A 703 8.41 5.80 -5.68
N SER A 704 8.76 4.54 -5.78
CA SER A 704 9.83 3.96 -4.99
C SER A 704 11.08 3.70 -5.76
N THR A 705 12.18 4.35 -5.36
CA THR A 705 13.49 4.03 -5.89
C THR A 705 14.58 4.28 -4.84
N SER A 706 15.58 3.39 -4.79
CA SER A 706 16.72 3.63 -3.89
C SER A 706 18.01 3.48 -4.70
N GLU A 707 18.00 3.81 -6.01
CA GLU A 707 19.19 3.64 -6.85
C GLU A 707 20.41 4.38 -6.34
N ILE A 708 20.24 5.60 -5.80
CA ILE A 708 21.39 6.37 -5.31
C ILE A 708 22.03 5.67 -4.08
N ASP A 709 21.19 5.20 -3.16
CA ASP A 709 21.63 4.44 -1.98
C ASP A 709 22.22 3.09 -2.43
N ASN A 710 21.61 2.44 -3.42
CA ASN A 710 22.10 1.16 -3.96
C ASN A 710 23.51 1.31 -4.49
N LEU A 711 23.79 2.44 -5.16
CA LEU A 711 25.11 2.73 -5.71
C LEU A 711 26.12 2.89 -4.58
N ALA A 712 25.73 3.60 -3.51
CA ALA A 712 26.61 3.75 -2.35
C ALA A 712 26.90 2.38 -1.70
N LEU A 713 25.89 1.50 -1.60
CA LEU A 713 26.12 0.16 -1.07
C LEU A 713 27.10 -0.61 -2.00
N LEU A 714 26.86 -0.58 -3.33
CA LEU A 714 27.72 -1.30 -4.28
C LEU A 714 29.17 -0.81 -4.20
N THR A 715 29.36 0.50 -4.09
CA THR A 715 30.69 1.12 -3.96
C THR A 715 31.39 0.59 -2.71
N ALA A 716 30.69 0.58 -1.56
CA ALA A 716 31.25 0.06 -0.32
C ALA A 716 31.53 -1.44 -0.40
N LEU A 717 30.68 -2.21 -1.10
CA LEU A 717 30.89 -3.65 -1.27
C LEU A 717 32.13 -3.93 -2.11
N LYS A 718 32.36 -3.11 -3.15
CA LYS A 718 33.53 -3.26 -4.00
C LYS A 718 34.80 -2.84 -3.24
N ASP A 719 34.70 -1.86 -2.34
CA ASP A 719 35.83 -1.45 -1.52
C ASP A 719 36.20 -2.60 -0.57
N LYS A 720 35.19 -3.26 0.03
CA LYS A 720 35.42 -4.32 0.99
C LYS A 720 35.86 -5.66 0.38
N TYR A 721 35.20 -6.12 -0.67
CA TYR A 721 35.46 -7.43 -1.23
C TYR A 721 36.21 -7.45 -2.56
N GLY A 722 36.48 -6.28 -3.13
CA GLY A 722 37.06 -6.22 -4.46
C GLY A 722 35.95 -6.02 -5.49
N LYS A 723 36.31 -5.58 -6.71
CA LYS A 723 35.34 -5.31 -7.76
C LYS A 723 34.48 -6.50 -8.12
N GLN A 724 35.10 -7.68 -8.28
CA GLN A 724 34.35 -8.86 -8.70
C GLN A 724 33.43 -9.41 -7.61
N GLN A 725 33.98 -9.69 -6.42
CA GLN A 725 33.19 -10.23 -5.33
C GLN A 725 32.17 -9.22 -4.80
N GLY A 726 32.52 -7.94 -4.80
CA GLY A 726 31.64 -6.86 -4.38
C GLY A 726 30.35 -6.78 -5.19
N MET A 727 30.46 -6.95 -6.52
CA MET A 727 29.28 -6.95 -7.37
C MET A 727 28.46 -8.24 -7.15
N ALA A 728 29.14 -9.38 -6.94
CA ALA A 728 28.45 -10.64 -6.70
C ALA A 728 27.70 -10.62 -5.34
N VAL A 729 28.25 -9.93 -4.34
CA VAL A 729 27.59 -9.78 -3.02
C VAL A 729 26.37 -8.84 -3.16
N PHE A 730 26.49 -7.81 -4.02
CA PHE A 730 25.36 -6.91 -4.34
C PHE A 730 24.23 -7.76 -4.95
N ASN A 731 24.57 -8.69 -5.85
CA ASN A 731 23.60 -9.61 -6.46
C ASN A 731 22.97 -10.60 -5.47
N GLN A 732 23.63 -10.85 -4.34
CA GLN A 732 23.18 -11.75 -3.27
C GLN A 732 22.23 -11.03 -2.29
N LEU A 733 22.46 -9.74 -2.04
CA LEU A 733 21.63 -8.95 -1.13
C LEU A 733 20.44 -8.30 -1.83
N LYS A 734 20.62 -7.95 -3.10
CA LYS A 734 19.60 -7.24 -3.89
C LYS A 734 19.60 -7.86 -5.25
N TRP A 735 19.13 -9.11 -5.34
CA TRP A 735 19.03 -9.80 -6.62
C TRP A 735 18.02 -9.09 -7.53
N LEU A 736 18.21 -9.21 -8.84
CA LEU A 736 17.26 -8.66 -9.80
C LEU A 736 16.00 -9.52 -9.75
N VAL A 737 16.18 -10.85 -9.83
CA VAL A 737 15.09 -11.82 -9.75
C VAL A 737 15.53 -13.05 -8.94
N ASN A 738 14.56 -13.75 -8.36
CA ASN A 738 14.80 -14.97 -7.59
C ASN A 738 13.74 -15.94 -8.05
N PRO A 739 14.13 -17.00 -8.79
CA PRO A 739 13.14 -17.94 -9.33
C PRO A 739 12.38 -18.76 -8.29
N SER A 740 12.86 -18.79 -7.03
CA SER A 740 12.14 -19.51 -5.98
C SER A 740 11.01 -18.64 -5.34
N ALA A 741 10.87 -17.36 -5.74
CA ALA A 741 9.85 -16.49 -5.18
C ALA A 741 8.43 -17.03 -5.41
N PRO A 742 7.61 -17.12 -4.35
CA PRO A 742 6.21 -17.53 -4.53
C PRO A 742 5.48 -16.46 -5.36
N THR A 743 4.75 -16.90 -6.40
CA THR A 743 4.10 -15.98 -7.33
C THR A 743 2.58 -16.13 -7.40
N THR A 744 1.90 -15.02 -7.70
CA THR A 744 0.44 -15.03 -7.82
C THR A 744 0.00 -15.92 -9.00
N ILE A 745 0.73 -15.84 -10.12
CA ILE A 745 0.46 -16.67 -11.30
C ILE A 745 1.41 -17.88 -11.25
N ALA A 746 0.87 -19.11 -11.38
CA ALA A 746 1.70 -20.33 -11.41
C ALA A 746 2.58 -20.33 -12.66
N ALA A 747 3.81 -20.87 -12.56
CA ALA A 747 4.75 -20.92 -13.68
C ALA A 747 4.18 -21.58 -14.95
N ARG A 748 3.32 -22.61 -14.77
CA ARG A 748 2.66 -23.33 -15.88
C ARG A 748 1.69 -22.44 -16.67
N GLU A 749 1.15 -21.38 -16.05
CA GLU A 749 0.27 -20.46 -16.76
C GLU A 749 1.15 -19.58 -17.66
N SER A 750 2.14 -18.91 -17.06
CA SER A 750 3.08 -18.03 -17.77
C SER A 750 4.24 -17.57 -16.87
N ALA A 751 5.33 -17.16 -17.52
CA ALA A 751 6.52 -16.61 -16.90
C ALA A 751 6.91 -15.29 -17.65
N TYR A 752 7.78 -14.46 -17.04
CA TYR A 752 8.21 -13.23 -17.68
C TYR A 752 9.20 -13.55 -18.80
N PRO A 753 8.89 -13.15 -20.04
CA PRO A 753 9.82 -13.47 -21.16
C PRO A 753 11.12 -12.67 -21.18
N LEU A 754 11.14 -11.46 -20.59
CA LEU A 754 12.35 -10.65 -20.55
C LEU A 754 13.33 -11.19 -19.51
N LYS A 755 14.59 -11.41 -19.90
CA LYS A 755 15.62 -11.96 -19.01
C LYS A 755 16.58 -10.88 -18.48
#